data_7N5P
#
_entry.id   7N5P
#
_cell.length_a   54.334
_cell.length_b   72.056
_cell.length_c   107.671
_cell.angle_alpha   90.000
_cell.angle_beta   101.280
_cell.angle_gamma   90.000
#
_symmetry.space_group_name_H-M   'P 1 21 1'
#
loop_
_entity.id
_entity.type
_entity.pdbx_description
1 polymer 'H-2 class I histocompatibility antigen, D-B alpha chain'
2 polymer Beta-2-microglobulin
3 polymer 'peptide from Polymerase acidic protein'
4 polymer 'Fusion protein of T cell receptor alpha variable 21-DV12 and T-cell receptor, sp3.4 alpha chain'
5 polymer 'Fusion protein of T cell receptor beta, variable 29 and Human nkt tcr beta chain'
6 non-polymer 'SODIUM ION'
7 water water
#
loop_
_entity_poly.entity_id
_entity_poly.type
_entity_poly.pdbx_seq_one_letter_code
_entity_poly.pdbx_strand_id
1 'polypeptide(L)'
;GPHSMRYFETAVSRPGLEEPRYISVGYVDNKEFVRFDSDAENPRYEPRAPWMEQEGPEYWERETQKAKGQEQWFRVSLRN
LLGYYNQSAGGSHTLQQMSGCDLGSDWRLLRGYLQFAYEGRDYIALNEDLKTWTAADMAAQITRRKWEQSGAAEHYKAYL
EGECVEWLHRYLKNGNATLLRTDSPKAHVTHHPRSKGEVTLRCWALGFYPADITLTWQLNGEELTQDMELVETRPAGDGT
FQKWASVVVPLGKEQNYTCRVYHEGLPEPLTLRWEPP
;
A
2 'polypeptide(L)'
;MIQRTPKIQVYSRHPAENGKSNFLNCYVSGFHPSDIEVDLLKNGERIEKVEHSDLSFSKDWSFYLLYYTEFTPTEKDEYA
CRVNHVTLSQPKIVKWDRDM
;
B
3 'polypeptide(L)' SSLCNFRAYV C
4 'polypeptide(L)'
;DAKTTQPDSMESTEGETVHLPCSHATISGNEYIYWYRQVPLQGPEYVTHGLQQNTTNSMAFLAIASDRKSSTLILPHVSL
RDAAVYHCILSGGSNYKLTFGKGTLLTVTPNIQNPDPAVYQLRDSKSSDKSVCLFTDFDSQTNVSQSKDSDVYITDKCVL
DMRSMDFKSNSAVAWSNKSDFACANAFNNSIIPEDTFFPSPESS
;
D
5 'polypeptide(L)'
;DMKVTQMPRYLIKRMGENVLLECGQDMSHETMYWYRQDPGLGLQLIYISYDVDSNSEGDIPKGYRVSRKKREHFSLILDS
AKTNQTSVYFCASSFGREQYFGPGTRLTVLEDLKNVFPPEVAVFEPSEAEISHTQKATLVCLATGFYPDHVELSWWVNGK
EVHSGVCTDPQPLKEQPALNDSRYALSSRLRVSATFWQNPRNHFRCQVQFYGLSENDEWTQDRAKPVTQIVSAEAWGRAD
;
E
#
loop_
_chem_comp.id
_chem_comp.type
_chem_comp.name
_chem_comp.formula
NA non-polymer 'SODIUM ION' 'Na 1'
#
# COMPACT_ATOMS: atom_id res chain seq x y z
N GLY A 1 15.67 21.61 26.75
CA GLY A 1 14.50 21.41 27.59
C GLY A 1 13.51 20.39 27.04
N PRO A 2 12.31 20.89 26.60
CA PRO A 2 11.32 20.00 25.98
C PRO A 2 11.23 20.12 24.46
N HIS A 3 12.18 19.53 23.73
CA HIS A 3 12.28 19.81 22.31
C HIS A 3 11.15 19.15 21.53
N SER A 4 10.91 19.66 20.32
CA SER A 4 9.80 19.11 19.56
C SER A 4 10.09 19.24 18.07
N MET A 5 9.41 18.41 17.30
CA MET A 5 9.41 18.51 15.84
C MET A 5 7.97 18.33 15.37
N ARG A 6 7.55 19.16 14.42
CA ARG A 6 6.21 19.08 13.86
C ARG A 6 6.29 19.20 12.35
N TYR A 7 5.35 18.56 11.67
CA TYR A 7 5.13 18.81 10.26
C TYR A 7 3.65 19.16 10.06
N PHE A 8 3.38 20.30 9.43
CA PHE A 8 2.02 20.82 9.20
C PHE A 8 1.73 20.72 7.70
N GLU A 9 0.82 19.82 7.33
CA GLU A 9 0.53 19.56 5.92
C GLU A 9 -0.89 20.01 5.57
N THR A 10 -1.03 20.56 4.35
CA THR A 10 -2.31 21.06 3.84
C THR A 10 -2.47 20.62 2.39
N ALA A 11 -3.63 20.09 2.05
CA ALA A 11 -3.94 19.79 0.66
C ALA A 11 -5.30 20.40 0.35
N VAL A 12 -5.38 21.13 -0.77
CA VAL A 12 -6.61 21.78 -1.21
C VAL A 12 -7.00 21.20 -2.56
N SER A 13 -8.16 20.55 -2.62
CA SER A 13 -8.54 19.82 -3.82
C SER A 13 -8.70 20.77 -4.99
N ARG A 14 -8.50 20.23 -6.18
CA ARG A 14 -8.57 20.94 -7.45
C ARG A 14 -9.42 20.16 -8.44
N PRO A 15 -10.03 20.86 -9.43
CA PRO A 15 -11.09 20.22 -10.24
C PRO A 15 -10.61 19.14 -11.19
N GLY A 16 -10.64 19.47 -12.48
CA GLY A 16 -10.04 18.64 -13.50
C GLY A 16 -8.57 18.96 -13.63
N LEU A 17 -8.01 19.63 -12.60
CA LEU A 17 -6.56 19.83 -12.47
C LEU A 17 -5.90 18.69 -11.70
N GLU A 18 -6.52 17.51 -11.72
CA GLU A 18 -6.13 16.31 -10.98
C GLU A 18 -5.46 16.56 -9.63
N GLU A 19 -4.25 17.14 -9.64
CA GLU A 19 -3.47 17.20 -8.40
C GLU A 19 -3.93 18.35 -7.52
N PRO A 20 -4.13 18.12 -6.23
CA PRO A 20 -4.44 19.24 -5.33
C PRO A 20 -3.21 20.08 -5.08
N ARG A 21 -3.44 21.30 -4.60
CA ARG A 21 -2.34 22.10 -4.08
C ARG A 21 -1.88 21.52 -2.76
N TYR A 22 -0.59 21.17 -2.67
CA TYR A 22 -0.06 20.46 -1.51
C TYR A 22 1.10 21.24 -0.92
N ILE A 23 0.99 21.59 0.37
CA ILE A 23 2.04 22.32 1.08
C ILE A 23 2.39 21.58 2.37
N SER A 24 3.69 21.52 2.66
CA SER A 24 4.19 20.91 3.89
C SER A 24 5.24 21.82 4.51
N VAL A 25 5.11 22.07 5.82
CA VAL A 25 6.03 22.92 6.58
C VAL A 25 6.49 22.15 7.80
N GLY A 26 7.81 22.12 8.03
CA GLY A 26 8.40 21.41 9.15
C GLY A 26 8.96 22.41 10.16
N TYR A 27 8.80 22.10 11.45
CA TYR A 27 9.23 22.95 12.55
C TYR A 27 10.08 22.17 13.53
N VAL A 28 11.12 22.81 14.05
CA VAL A 28 11.90 22.29 15.17
C VAL A 28 11.82 23.31 16.28
N ASP A 29 11.29 22.91 17.43
CA ASP A 29 11.08 23.83 18.54
C ASP A 29 10.23 25.03 18.12
N ASN A 30 9.21 24.78 17.28
CA ASN A 30 8.22 25.77 16.83
C ASN A 30 8.81 26.77 15.86
N LYS A 31 9.93 26.45 15.22
CA LYS A 31 10.57 27.32 14.26
C LYS A 31 10.67 26.61 12.92
N GLU A 32 10.25 27.26 11.85
CA GLU A 32 10.26 26.66 10.52
C GLU A 32 11.69 26.29 10.10
N PHE A 33 11.87 25.08 9.58
CA PHE A 33 13.19 24.65 9.13
C PHE A 33 13.20 23.97 7.76
N VAL A 34 12.08 23.41 7.28
CA VAL A 34 11.99 22.90 5.91
C VAL A 34 10.61 23.28 5.38
N ARG A 35 10.46 23.21 4.06
CA ARG A 35 9.22 23.59 3.39
C ARG A 35 9.13 22.90 2.04
N PHE A 36 7.94 22.38 1.72
CA PHE A 36 7.62 21.86 0.40
C PHE A 36 6.34 22.51 -0.11
N ASP A 37 6.35 22.92 -1.38
CA ASP A 37 5.18 23.54 -2.00
C ASP A 37 5.02 22.95 -3.39
N SER A 38 3.83 22.40 -3.68
CA SER A 38 3.60 21.75 -4.98
C SER A 38 3.45 22.75 -6.12
N ASP A 39 3.13 24.01 -5.81
CA ASP A 39 2.99 25.08 -6.79
C ASP A 39 4.31 25.80 -7.06
N ALA A 40 5.45 25.17 -6.82
CA ALA A 40 6.74 25.72 -7.22
C ALA A 40 7.04 25.30 -8.65
N GLU A 41 7.94 26.05 -9.29
CA GLU A 41 8.31 25.71 -10.66
C GLU A 41 8.91 24.31 -10.74
N ASN A 42 9.72 23.95 -9.76
CA ASN A 42 10.11 22.56 -9.53
C ASN A 42 9.85 22.25 -8.07
N PRO A 43 8.75 21.56 -7.75
CA PRO A 43 8.46 21.22 -6.36
C PRO A 43 9.59 20.42 -5.71
N ARG A 44 10.20 21.01 -4.69
CA ARG A 44 11.25 20.37 -3.92
C ARG A 44 11.13 20.76 -2.45
N TYR A 45 11.53 19.86 -1.56
CA TYR A 45 11.79 20.28 -0.19
C TYR A 45 13.00 21.21 -0.19
N GLU A 46 12.98 22.22 0.67
CA GLU A 46 14.00 23.25 0.72
C GLU A 46 14.29 23.59 2.16
N PRO A 47 15.51 24.04 2.49
CA PRO A 47 15.76 24.55 3.84
C PRO A 47 15.05 25.87 4.05
N ARG A 48 14.65 26.10 5.31
CA ARG A 48 14.10 27.38 5.72
C ARG A 48 14.81 27.89 6.96
N ALA A 49 15.92 27.29 7.34
CA ALA A 49 16.74 27.78 8.42
C ALA A 49 18.16 27.65 7.93
N PRO A 50 19.04 28.60 8.26
CA PRO A 50 20.41 28.53 7.73
C PRO A 50 21.12 27.22 8.06
N TRP A 51 20.88 26.67 9.26
CA TRP A 51 21.58 25.47 9.68
C TRP A 51 21.15 24.21 8.91
N MET A 52 19.96 24.17 8.30
CA MET A 52 19.62 23.01 7.46
C MET A 52 20.38 22.96 6.15
N GLU A 53 21.02 24.06 5.73
CA GLU A 53 21.70 24.09 4.45
C GLU A 53 22.91 23.17 4.39
N GLN A 54 23.35 22.61 5.52
CA GLN A 54 24.48 21.68 5.53
C GLN A 54 24.10 20.24 5.21
N GLU A 55 22.81 19.89 5.23
CA GLU A 55 22.41 18.51 4.94
C GLU A 55 22.83 18.12 3.53
N GLY A 56 23.20 16.84 3.37
CA GLY A 56 23.71 16.34 2.11
C GLY A 56 22.66 16.31 1.01
N PRO A 57 23.10 16.18 -0.24
CA PRO A 57 22.13 16.18 -1.37
C PRO A 57 21.12 15.03 -1.31
N GLU A 58 21.53 13.87 -0.81
CA GLU A 58 20.63 12.73 -0.77
C GLU A 58 19.46 12.98 0.16
N TYR A 59 19.67 13.72 1.25
CA TYR A 59 18.58 14.07 2.15
C TYR A 59 17.48 14.82 1.41
N TRP A 60 17.85 15.89 0.68
CA TRP A 60 16.83 16.63 -0.07
C TRP A 60 16.19 15.76 -1.14
N GLU A 61 16.94 14.78 -1.66
CA GLU A 61 16.37 13.87 -2.66
C GLU A 61 15.34 12.95 -2.03
N ARG A 62 15.70 12.33 -0.90
N ARG A 62 15.70 12.34 -0.90
CA ARG A 62 14.76 11.46 -0.22
CA ARG A 62 14.79 11.46 -0.18
C ARG A 62 13.50 12.22 0.20
C ARG A 62 13.52 12.20 0.22
N GLU A 63 13.66 13.43 0.73
CA GLU A 63 12.51 14.17 1.24
C GLU A 63 11.57 14.59 0.10
N THR A 64 12.12 15.04 -1.02
CA THR A 64 11.28 15.43 -2.14
C THR A 64 10.46 14.24 -2.64
N GLN A 65 11.06 13.03 -2.64
CA GLN A 65 10.31 11.85 -3.06
C GLN A 65 9.15 11.57 -2.13
N LYS A 66 9.36 11.76 -0.82
CA LYS A 66 8.28 11.51 0.11
C LYS A 66 7.17 12.54 -0.04
N ALA A 67 7.50 13.77 -0.43
CA ALA A 67 6.47 14.77 -0.67
C ALA A 67 5.57 14.35 -1.84
N LYS A 68 6.15 13.89 -2.93
CA LYS A 68 5.34 13.39 -4.04
C LYS A 68 4.50 12.18 -3.63
N GLY A 69 4.96 11.41 -2.64
CA GLY A 69 4.12 10.35 -2.11
C GLY A 69 2.93 10.90 -1.36
N GLN A 70 3.17 11.88 -0.49
CA GLN A 70 2.09 12.52 0.27
C GLN A 70 1.06 13.16 -0.65
N GLU A 71 1.52 13.91 -1.65
CA GLU A 71 0.62 14.57 -2.61
C GLU A 71 -0.39 13.58 -3.17
N GLN A 72 0.07 12.39 -3.55
CA GLN A 72 -0.82 11.38 -4.08
C GLN A 72 -1.73 10.81 -2.98
N TRP A 73 -1.19 10.62 -1.78
CA TRP A 73 -2.02 10.16 -0.66
C TRP A 73 -3.15 11.15 -0.38
N PHE A 74 -2.84 12.45 -0.31
CA PHE A 74 -3.91 13.43 -0.12
C PHE A 74 -4.88 13.49 -1.29
N ARG A 75 -4.40 13.32 -2.52
CA ARG A 75 -5.29 13.35 -3.67
C ARG A 75 -6.35 12.25 -3.57
N VAL A 76 -5.92 11.01 -3.33
CA VAL A 76 -6.89 9.93 -3.23
C VAL A 76 -7.79 10.11 -2.01
N SER A 77 -7.22 10.54 -0.88
CA SER A 77 -8.02 10.72 0.33
C SER A 77 -9.08 11.81 0.13
N LEU A 78 -8.76 12.86 -0.61
CA LEU A 78 -9.77 13.90 -0.87
C LEU A 78 -10.90 13.37 -1.75
N ARG A 79 -10.58 12.54 -2.73
CA ARG A 79 -11.63 11.90 -3.51
C ARG A 79 -12.51 11.01 -2.61
N ASN A 80 -11.89 10.21 -1.75
CA ASN A 80 -12.67 9.42 -0.80
C ASN A 80 -13.54 10.32 0.09
N LEU A 81 -13.00 11.45 0.57
CA LEU A 81 -13.77 12.28 1.48
C LEU A 81 -14.98 12.88 0.79
N LEU A 82 -14.81 13.25 -0.49
CA LEU A 82 -15.91 13.72 -1.33
C LEU A 82 -17.09 12.74 -1.31
N GLY A 83 -16.80 11.44 -1.37
CA GLY A 83 -17.87 10.45 -1.36
C GLY A 83 -18.45 10.18 0.01
N TYR A 84 -17.64 10.28 1.05
CA TYR A 84 -18.14 10.07 2.40
C TYR A 84 -19.22 11.09 2.74
N TYR A 85 -19.07 12.32 2.28
CA TYR A 85 -20.01 13.39 2.60
C TYR A 85 -21.02 13.63 1.48
N ASN A 86 -21.34 12.57 0.72
CA ASN A 86 -22.39 12.53 -0.31
C ASN A 86 -22.14 13.66 -1.29
N GLN A 87 -23.16 14.43 -1.69
CA GLN A 87 -23.01 15.63 -2.50
C GLN A 87 -22.07 16.65 -1.82
N SER A 88 -22.64 17.65 -1.16
CA SER A 88 -21.88 18.70 -0.47
C SER A 88 -20.83 19.32 -1.39
N ALA A 89 -21.35 20.07 -2.34
CA ALA A 89 -20.52 20.70 -3.36
C ALA A 89 -19.86 21.97 -2.81
N GLY A 90 -18.58 22.12 -3.10
CA GLY A 90 -17.84 23.29 -2.72
C GLY A 90 -16.63 23.41 -3.63
N GLY A 91 -16.21 24.64 -3.88
CA GLY A 91 -15.00 24.79 -4.68
C GLY A 91 -13.73 24.70 -3.87
N SER A 92 -13.86 24.27 -2.63
CA SER A 92 -12.77 24.23 -1.67
C SER A 92 -12.95 22.97 -0.87
N HIS A 93 -12.01 22.03 -0.96
CA HIS A 93 -12.01 20.87 -0.07
C HIS A 93 -10.60 20.69 0.46
N THR A 94 -10.46 20.81 1.78
CA THR A 94 -9.17 20.97 2.43
C THR A 94 -8.96 19.84 3.43
N LEU A 95 -7.85 19.13 3.28
CA LEU A 95 -7.45 18.09 4.21
C LEU A 95 -6.14 18.55 4.84
N GLN A 96 -6.12 18.64 6.15
CA GLN A 96 -4.94 19.09 6.88
C GLN A 96 -4.45 17.98 7.79
N GLN A 97 -3.15 17.98 8.02
CA GLN A 97 -2.53 16.97 8.87
C GLN A 97 -1.43 17.61 9.72
N MET A 98 -1.41 17.25 11.00
N MET A 98 -1.40 17.27 10.98
CA MET A 98 -0.34 17.64 11.91
CA MET A 98 -0.28 17.66 11.82
C MET A 98 0.27 16.37 12.47
C MET A 98 0.28 16.41 12.49
N SER A 99 1.60 16.29 12.48
CA SER A 99 2.28 15.16 13.09
C SER A 99 3.64 15.58 13.64
N GLY A 100 4.09 14.85 14.65
CA GLY A 100 5.44 15.03 15.14
C GLY A 100 5.60 14.47 16.54
N CYS A 101 6.67 14.91 17.20
CA CYS A 101 7.11 14.23 18.40
C CYS A 101 7.69 15.25 19.38
N ASP A 102 7.35 15.10 20.66
CA ASP A 102 7.99 15.83 21.73
C ASP A 102 9.06 14.94 22.34
N LEU A 103 10.25 15.51 22.52
CA LEU A 103 11.44 14.81 22.96
C LEU A 103 11.78 15.25 24.37
N GLY A 104 12.10 14.29 25.23
CA GLY A 104 12.45 14.58 26.60
C GLY A 104 13.96 14.68 26.83
N SER A 105 14.32 15.19 28.00
CA SER A 105 15.73 15.27 28.39
C SER A 105 16.39 13.90 28.33
N ASP A 106 15.64 12.86 28.71
CA ASP A 106 16.12 11.48 28.65
C ASP A 106 16.27 10.94 27.23
N TRP A 107 15.81 11.69 26.22
CA TRP A 107 15.93 11.39 24.78
C TRP A 107 14.94 10.35 24.30
N ARG A 108 13.94 9.98 25.09
CA ARG A 108 12.89 9.09 24.60
C ARG A 108 11.72 9.92 24.07
N LEU A 109 10.79 9.24 23.39
CA LEU A 109 9.61 9.94 22.90
C LEU A 109 8.72 10.33 24.07
N LEU A 110 8.41 11.61 24.19
CA LEU A 110 7.60 12.06 25.30
C LEU A 110 6.12 12.01 24.90
N ARG A 111 5.79 12.59 23.74
CA ARG A 111 4.44 12.53 23.18
C ARG A 111 4.54 12.49 21.66
N GLY A 112 3.80 11.60 21.04
CA GLY A 112 3.69 11.54 19.61
C GLY A 112 2.35 12.09 19.16
N TYR A 113 2.34 12.75 18.00
CA TYR A 113 1.17 13.44 17.51
C TYR A 113 0.84 13.02 16.08
N LEU A 114 -0.43 12.76 15.82
CA LEU A 114 -0.92 12.57 14.46
C LEU A 114 -2.39 12.92 14.45
N GLN A 115 -2.75 14.00 13.75
CA GLN A 115 -4.11 14.54 13.74
C GLN A 115 -4.47 14.99 12.33
N PHE A 116 -5.72 14.72 11.92
CA PHE A 116 -6.27 15.16 10.65
C PHE A 116 -7.49 16.06 10.86
N ALA A 117 -7.65 17.04 9.97
CA ALA A 117 -8.87 17.84 9.87
C ALA A 117 -9.38 17.88 8.43
N TYR A 118 -10.70 17.88 8.26
CA TYR A 118 -11.33 18.04 6.96
C TYR A 118 -12.23 19.26 7.01
N GLU A 119 -12.10 20.15 6.03
CA GLU A 119 -12.96 21.34 5.96
C GLU A 119 -12.89 22.20 7.23
N GLY A 120 -11.71 22.26 7.84
CA GLY A 120 -11.50 23.08 9.02
C GLY A 120 -11.99 22.51 10.34
N ARG A 121 -12.36 21.22 10.38
CA ARG A 121 -12.89 20.56 11.56
C ARG A 121 -12.08 19.32 11.88
N ASP A 122 -11.88 19.01 13.17
CA ASP A 122 -11.32 17.70 13.54
C ASP A 122 -11.99 16.58 12.77
N TYR A 123 -11.18 15.73 12.14
CA TYR A 123 -11.66 14.54 11.47
C TYR A 123 -11.29 13.28 12.26
N ILE A 124 -10.01 12.92 12.33
CA ILE A 124 -9.55 11.75 13.06
C ILE A 124 -8.18 12.05 13.66
N ALA A 125 -7.90 11.48 14.83
CA ALA A 125 -6.63 11.68 15.52
C ALA A 125 -6.17 10.37 16.14
N LEU A 126 -4.86 10.11 16.05
CA LEU A 126 -4.24 9.07 16.85
C LEU A 126 -4.22 9.48 18.33
N ASN A 127 -4.67 8.59 19.21
CA ASN A 127 -4.66 8.90 20.64
C ASN A 127 -3.23 8.81 21.18
N GLU A 128 -3.05 9.30 22.41
CA GLU A 128 -1.70 9.38 22.98
C GLU A 128 -1.07 8.01 23.14
N ASP A 129 -1.88 6.95 23.29
CA ASP A 129 -1.29 5.61 23.35
C ASP A 129 -0.65 5.20 22.03
N LEU A 130 -0.87 5.94 20.95
CA LEU A 130 -0.29 5.65 19.64
C LEU A 130 -0.77 4.30 19.10
N LYS A 131 -1.98 3.89 19.52
CA LYS A 131 -2.55 2.60 19.16
C LYS A 131 -4.03 2.67 18.80
N THR A 132 -4.76 3.68 19.27
CA THR A 132 -6.19 3.78 19.00
C THR A 132 -6.49 5.15 18.40
N TRP A 133 -7.67 5.26 17.80
CA TRP A 133 -8.05 6.45 17.06
C TRP A 133 -9.29 7.06 17.67
N THR A 134 -9.37 8.38 17.61
CA THR A 134 -10.55 9.14 18.01
C THR A 134 -11.19 9.69 16.74
N ALA A 135 -12.42 9.29 16.48
CA ALA A 135 -13.12 9.62 15.25
C ALA A 135 -14.25 10.57 15.60
N ALA A 136 -14.37 11.65 14.84
CA ALA A 136 -15.23 12.76 15.23
C ALA A 136 -16.68 12.63 14.74
N ASP A 137 -16.96 11.76 13.77
CA ASP A 137 -18.28 11.66 13.19
C ASP A 137 -18.36 10.38 12.35
N MET A 138 -19.49 10.19 11.65
CA MET A 138 -19.74 8.94 10.95
C MET A 138 -18.71 8.66 9.87
N ALA A 139 -18.30 9.69 9.11
CA ALA A 139 -17.31 9.50 8.06
C ALA A 139 -15.97 9.09 8.64
N ALA A 140 -15.52 9.80 9.68
CA ALA A 140 -14.27 9.42 10.34
C ALA A 140 -14.36 8.02 10.95
N GLN A 141 -15.55 7.54 11.28
CA GLN A 141 -15.69 6.17 11.78
C GLN A 141 -15.48 5.13 10.67
N ILE A 142 -15.84 5.43 9.43
CA ILE A 142 -15.47 4.57 8.32
C ILE A 142 -13.94 4.48 8.22
N THR A 143 -13.28 5.64 8.17
CA THR A 143 -11.83 5.67 8.13
C THR A 143 -11.22 4.87 9.27
N ARG A 144 -11.77 5.00 10.48
CA ARG A 144 -11.16 4.35 11.64
C ARG A 144 -11.24 2.84 11.54
N ARG A 145 -12.41 2.31 11.17
CA ARG A 145 -12.55 0.89 10.92
C ARG A 145 -11.53 0.41 9.88
N LYS A 146 -11.38 1.17 8.81
CA LYS A 146 -10.44 0.82 7.75
C LYS A 146 -8.99 0.80 8.26
N TRP A 147 -8.60 1.78 9.06
CA TRP A 147 -7.23 1.81 9.55
C TRP A 147 -7.00 0.79 10.66
N GLU A 148 -8.05 0.43 11.41
CA GLU A 148 -7.89 -0.67 12.37
C GLU A 148 -7.73 -2.00 11.64
N GLN A 149 -8.44 -2.19 10.52
CA GLN A 149 -8.32 -3.42 9.75
C GLN A 149 -6.93 -3.57 9.16
N SER A 150 -6.35 -2.50 8.62
CA SER A 150 -5.07 -2.59 7.93
C SER A 150 -3.88 -2.37 8.86
N GLY A 151 -4.11 -2.06 10.13
CA GLY A 151 -3.01 -1.84 11.06
C GLY A 151 -2.28 -0.51 10.90
N ALA A 152 -2.98 0.55 10.53
CA ALA A 152 -2.31 1.82 10.19
C ALA A 152 -1.53 2.37 11.39
N ALA A 153 -2.08 2.21 12.60
CA ALA A 153 -1.50 2.84 13.78
C ALA A 153 -0.06 2.39 14.00
N GLU A 154 0.20 1.10 13.82
CA GLU A 154 1.53 0.54 13.99
C GLU A 154 2.54 1.24 13.08
N HIS A 155 2.16 1.53 11.83
CA HIS A 155 3.05 2.28 10.96
C HIS A 155 3.35 3.66 11.52
N TYR A 156 2.32 4.37 12.01
CA TYR A 156 2.54 5.71 12.52
C TYR A 156 3.30 5.69 13.86
N LYS A 157 2.99 4.73 14.73
CA LYS A 157 3.73 4.64 15.99
C LYS A 157 5.21 4.36 15.73
N ALA A 158 5.51 3.50 14.76
CA ALA A 158 6.92 3.21 14.45
C ALA A 158 7.65 4.46 13.99
N TYR A 159 7.00 5.29 13.18
CA TYR A 159 7.65 6.53 12.78
C TYR A 159 7.85 7.46 13.98
N LEU A 160 6.84 7.54 14.85
CA LEU A 160 6.88 8.54 15.91
C LEU A 160 7.92 8.21 16.97
N GLU A 161 7.99 6.94 17.39
CA GLU A 161 9.04 6.49 18.31
C GLU A 161 10.41 6.34 17.67
N GLY A 162 10.49 6.24 16.36
CA GLY A 162 11.76 5.93 15.73
C GLY A 162 12.32 7.10 14.97
N GLU A 163 12.02 7.13 13.67
CA GLU A 163 12.58 8.13 12.77
C GLU A 163 12.40 9.54 13.29
N CYS A 164 11.23 9.85 13.88
CA CYS A 164 10.94 11.21 14.33
C CYS A 164 11.91 11.64 15.42
N VAL A 165 11.95 10.89 16.52
CA VAL A 165 12.86 11.17 17.62
C VAL A 165 14.31 11.17 17.14
N GLU A 166 14.66 10.24 16.24
CA GLU A 166 16.05 10.11 15.80
C GLU A 166 16.53 11.32 15.01
N TRP A 167 15.70 11.84 14.10
CA TRP A 167 16.14 12.99 13.32
C TRP A 167 16.01 14.29 14.11
N LEU A 168 15.03 14.37 15.02
CA LEU A 168 15.00 15.49 15.94
C LEU A 168 16.32 15.60 16.69
N HIS A 169 16.80 14.47 17.22
CA HIS A 169 18.11 14.42 17.86
CA HIS A 169 18.10 14.44 17.88
C HIS A 169 19.18 15.05 17.00
N ARG A 170 19.25 14.63 15.74
CA ARG A 170 20.32 15.09 14.85
C ARG A 170 20.20 16.57 14.54
N TYR A 171 18.99 17.06 14.24
CA TYR A 171 18.82 18.49 13.96
C TYR A 171 19.28 19.35 15.13
N LEU A 172 19.10 18.88 16.36
CA LEU A 172 19.46 19.72 17.51
C LEU A 172 20.96 19.84 17.68
N LYS A 173 21.75 18.98 17.02
CA LYS A 173 23.19 19.19 16.95
C LYS A 173 23.56 20.05 15.74
N ASN A 174 22.78 19.98 14.66
CA ASN A 174 23.07 20.77 13.45
C ASN A 174 23.10 22.26 13.76
N GLY A 175 21.98 22.79 14.26
CA GLY A 175 21.88 24.18 14.66
C GLY A 175 22.08 24.37 16.15
N ASN A 176 23.28 24.04 16.64
CA ASN A 176 23.61 23.85 18.06
C ASN A 176 22.97 24.86 19.01
N THR A 182 17.02 30.62 23.20
CA THR A 182 15.94 31.35 22.55
C THR A 182 16.35 32.80 22.39
N ASP A 183 15.38 33.65 22.05
CA ASP A 183 15.64 35.08 21.90
C ASP A 183 14.71 35.85 22.84
N SER A 184 15.28 36.51 23.85
CA SER A 184 14.48 37.19 24.86
C SER A 184 13.94 38.51 24.32
N PRO A 185 12.79 38.95 24.83
CA PRO A 185 12.25 40.23 24.38
C PRO A 185 13.17 41.38 24.75
N LYS A 186 13.13 42.41 23.92
CA LYS A 186 13.66 43.72 24.25
C LYS A 186 12.43 44.61 24.34
N ALA A 187 12.23 45.24 25.50
CA ALA A 187 11.01 45.99 25.75
C ALA A 187 11.28 47.48 25.92
N HIS A 188 10.25 48.28 25.67
CA HIS A 188 10.31 49.71 25.93
C HIS A 188 8.90 50.26 25.98
N VAL A 189 8.76 51.46 26.53
CA VAL A 189 7.48 52.13 26.68
C VAL A 189 7.50 53.39 25.84
N THR A 190 6.46 53.58 25.04
CA THR A 190 6.20 54.83 24.32
C THR A 190 4.98 55.51 24.92
N HIS A 191 4.80 56.77 24.55
CA HIS A 191 3.99 57.71 25.31
C HIS A 191 3.19 58.54 24.32
N HIS A 192 1.86 58.44 24.39
CA HIS A 192 0.99 59.04 23.40
C HIS A 192 -0.07 59.88 24.09
N PRO A 193 0.11 61.20 24.13
CA PRO A 193 -0.88 62.05 24.82
C PRO A 193 -2.22 61.98 24.12
N ARG A 194 -3.28 61.77 24.90
CA ARG A 194 -4.67 61.92 24.48
C ARG A 194 -5.19 63.27 24.98
N SER A 195 -6.49 63.50 24.81
CA SER A 195 -7.07 64.77 25.17
C SER A 195 -7.31 64.85 26.68
N LYS A 196 -7.28 66.07 27.19
CA LYS A 196 -7.77 66.41 28.53
C LYS A 196 -6.97 65.70 29.62
N GLY A 197 -5.68 66.00 29.65
CA GLY A 197 -4.85 65.53 30.75
C GLY A 197 -4.67 64.02 30.84
N GLU A 198 -4.84 63.30 29.74
CA GLU A 198 -4.64 61.85 29.73
C GLU A 198 -3.58 61.47 28.70
N VAL A 199 -2.99 60.31 28.89
CA VAL A 199 -1.93 59.85 27.99
C VAL A 199 -1.96 58.31 27.94
N THR A 200 -1.66 57.77 26.77
CA THR A 200 -1.54 56.34 26.59
C THR A 200 -0.10 55.90 26.76
N LEU A 201 0.09 54.89 27.62
CA LEU A 201 1.38 54.24 27.81
C LEU A 201 1.33 52.90 27.13
N ARG A 202 2.17 52.71 26.12
CA ARG A 202 2.18 51.50 25.31
C ARG A 202 3.45 50.73 25.60
N CYS A 203 3.31 49.57 26.19
CA CYS A 203 4.47 48.74 26.49
C CYS A 203 4.69 47.79 25.32
N TRP A 204 5.85 47.91 24.65
CA TRP A 204 6.23 47.09 23.51
C TRP A 204 7.20 45.99 23.93
N ALA A 205 7.00 44.79 23.40
CA ALA A 205 8.01 43.73 23.45
C ALA A 205 8.33 43.33 22.02
N LEU A 206 9.59 43.50 21.62
CA LEU A 206 10.05 43.18 20.28
C LEU A 206 11.19 42.17 20.33
N GLY A 207 11.40 41.50 19.20
CA GLY A 207 12.55 40.66 18.98
C GLY A 207 12.55 39.33 19.71
N PHE A 208 11.43 38.87 20.23
CA PHE A 208 11.43 37.67 21.06
C PHE A 208 10.96 36.46 20.27
N TYR A 209 11.28 35.29 20.82
CA TYR A 209 10.98 33.98 20.27
C TYR A 209 11.22 32.97 21.39
N PRO A 210 10.29 32.03 21.63
CA PRO A 210 9.06 31.75 20.89
C PRO A 210 7.96 32.77 21.12
N ALA A 211 6.82 32.61 20.45
CA ALA A 211 5.79 33.65 20.46
C ALA A 211 5.19 33.85 21.84
N ASP A 212 5.22 32.84 22.69
CA ASP A 212 4.52 32.92 23.98
C ASP A 212 5.09 34.01 24.86
N ILE A 213 4.21 34.90 25.34
CA ILE A 213 4.63 36.05 26.13
C ILE A 213 3.42 36.53 26.92
N THR A 214 3.68 37.22 28.06
CA THR A 214 2.63 37.90 28.83
C THR A 214 3.08 39.31 29.20
N LEU A 215 2.21 40.29 28.97
CA LEU A 215 2.46 41.70 29.22
C LEU A 215 1.40 42.20 30.19
N THR A 216 1.85 42.81 31.30
CA THR A 216 0.93 43.31 32.30
C THR A 216 1.41 44.67 32.81
N TRP A 217 0.47 45.58 32.97
CA TRP A 217 0.74 46.87 33.59
C TRP A 217 0.41 46.78 35.06
N GLN A 218 1.21 47.47 35.88
CA GLN A 218 1.04 47.43 37.32
C GLN A 218 1.25 48.82 37.90
N LEU A 219 0.69 49.03 39.09
CA LEU A 219 0.92 50.21 39.91
C LEU A 219 1.40 49.72 41.28
N ASN A 220 2.70 49.83 41.51
CA ASN A 220 3.32 49.48 42.78
C ASN A 220 3.06 48.02 43.14
N GLY A 221 3.38 47.13 42.20
CA GLY A 221 3.20 45.71 42.38
C GLY A 221 1.78 45.20 42.30
N GLU A 222 0.80 46.08 42.11
CA GLU A 222 -0.62 45.70 42.05
C GLU A 222 -1.13 45.86 40.62
N GLU A 223 -1.97 44.92 40.19
CA GLU A 223 -2.57 45.05 38.87
C GLU A 223 -3.60 46.17 38.86
N LEU A 224 -3.76 46.80 37.70
CA LEU A 224 -4.69 47.91 37.56
C LEU A 224 -6.09 47.38 37.31
N THR A 225 -7.09 48.01 37.94
CA THR A 225 -8.47 47.67 37.62
C THR A 225 -8.87 48.21 36.25
N GLN A 226 -8.10 49.13 35.68
CA GLN A 226 -8.36 49.64 34.35
C GLN A 226 -8.19 48.53 33.31
N ASP A 227 -8.95 48.64 32.23
CA ASP A 227 -8.87 47.63 31.18
C ASP A 227 -7.70 47.92 30.25
N MET A 228 -6.94 46.87 29.94
CA MET A 228 -5.69 46.98 29.22
C MET A 228 -5.95 46.75 27.73
N GLU A 229 -5.56 47.71 26.90
CA GLU A 229 -5.67 47.55 25.45
C GLU A 229 -4.47 46.78 24.92
N LEU A 230 -4.72 45.78 24.09
CA LEU A 230 -3.62 44.95 23.63
C LEU A 230 -3.83 44.54 22.18
N VAL A 231 -2.83 43.82 21.68
CA VAL A 231 -2.70 43.45 20.29
C VAL A 231 -2.23 42.00 20.27
N GLU A 232 -2.76 41.20 19.36
CA GLU A 232 -2.37 39.80 19.33
C GLU A 232 -0.92 39.69 18.90
N THR A 233 -0.19 38.74 19.49
CA THR A 233 1.21 38.49 19.12
C THR A 233 1.36 38.26 17.62
N ARG A 234 2.33 38.93 17.01
CA ARG A 234 2.40 38.94 15.56
C ARG A 234 3.83 38.74 15.09
N PRO A 235 4.05 38.07 13.96
CA PRO A 235 5.43 37.86 13.48
C PRO A 235 6.02 39.14 12.93
N ALA A 236 7.27 39.39 13.30
CA ALA A 236 7.99 40.55 12.77
C ALA A 236 8.39 40.33 11.32
N GLY A 237 8.52 39.07 10.90
CA GLY A 237 8.96 38.73 9.56
C GLY A 237 10.39 38.28 9.47
N ASP A 238 11.16 38.38 10.56
CA ASP A 238 12.54 37.92 10.62
C ASP A 238 12.72 36.73 11.54
N GLY A 239 11.65 36.06 11.94
CA GLY A 239 11.71 34.95 12.86
C GLY A 239 11.41 35.29 14.31
N THR A 240 11.21 36.56 14.63
CA THR A 240 10.85 37.02 15.96
C THR A 240 9.44 37.60 15.93
N PHE A 241 8.94 37.96 17.11
CA PHE A 241 7.55 38.36 17.30
C PHE A 241 7.48 39.71 17.99
N GLN A 242 6.29 40.31 17.93
CA GLN A 242 6.01 41.58 18.58
C GLN A 242 4.74 41.46 19.41
N LYS A 243 4.66 42.21 20.50
CA LYS A 243 3.41 42.39 21.20
C LYS A 243 3.41 43.74 21.89
N TRP A 244 2.23 44.33 22.11
CA TRP A 244 2.17 45.48 22.99
C TRP A 244 0.88 45.48 23.81
N ALA A 245 0.99 46.03 25.02
CA ALA A 245 -0.17 46.35 25.87
C ALA A 245 -0.10 47.81 26.25
N SER A 246 -1.26 48.47 26.23
CA SER A 246 -1.34 49.90 26.50
C SER A 246 -2.34 50.19 27.61
N VAL A 247 -2.21 51.37 28.18
CA VAL A 247 -2.94 51.78 29.37
C VAL A 247 -3.02 53.30 29.36
N VAL A 248 -4.13 53.83 29.85
CA VAL A 248 -4.41 55.28 29.81
C VAL A 248 -4.30 55.82 31.23
N VAL A 249 -3.33 56.72 31.44
CA VAL A 249 -3.00 57.21 32.78
C VAL A 249 -3.09 58.74 32.80
N PRO A 250 -3.06 59.38 33.97
CA PRO A 250 -3.09 60.85 33.99
C PRO A 250 -1.74 61.46 33.67
N LEU A 251 -1.78 62.53 32.87
CA LEU A 251 -0.57 63.27 32.51
C LEU A 251 0.14 63.77 33.76
N GLY A 252 1.44 63.54 33.83
CA GLY A 252 2.21 63.87 35.01
C GLY A 252 2.25 62.80 36.06
N LYS A 253 1.51 61.70 35.89
CA LYS A 253 1.53 60.59 36.84
C LYS A 253 2.14 59.33 36.26
N GLU A 254 2.61 59.37 35.02
CA GLU A 254 2.85 58.11 34.33
C GLU A 254 4.11 57.39 34.80
N GLN A 255 5.00 58.06 35.55
CA GLN A 255 6.18 57.39 36.10
C GLN A 255 5.86 56.31 37.12
N ASN A 256 4.69 56.34 37.74
CA ASN A 256 4.39 55.38 38.78
C ASN A 256 4.00 54.01 38.23
N TYR A 257 3.61 53.92 36.96
CA TYR A 257 3.12 52.68 36.37
C TYR A 257 4.27 51.85 35.78
N THR A 258 4.18 50.53 35.96
CA THR A 258 5.21 49.61 35.50
C THR A 258 4.62 48.56 34.58
N CYS A 259 5.38 48.23 33.54
CA CYS A 259 5.09 47.13 32.64
C CYS A 259 5.90 45.91 33.04
N ARG A 260 5.26 44.75 33.09
CA ARG A 260 5.92 43.48 33.34
C ARG A 260 5.89 42.62 32.08
N VAL A 261 7.02 42.01 31.75
CA VAL A 261 7.11 41.19 30.56
C VAL A 261 7.60 39.82 30.98
N TYR A 262 6.74 38.81 30.88
CA TYR A 262 7.11 37.44 31.19
C TYR A 262 7.37 36.67 29.90
N HIS A 263 8.54 36.06 29.81
CA HIS A 263 8.94 35.27 28.66
C HIS A 263 9.98 34.25 29.10
N GLU A 264 9.91 33.05 28.51
CA GLU A 264 10.77 31.95 28.95
C GLU A 264 12.24 32.20 28.63
N GLY A 265 12.55 33.06 27.65
CA GLY A 265 13.92 33.45 27.41
C GLY A 265 14.50 34.34 28.49
N LEU A 266 13.70 34.80 29.40
CA LEU A 266 14.21 35.62 30.49
C LEU A 266 14.32 34.80 31.75
N PRO A 267 15.49 34.77 32.40
CA PRO A 267 15.55 34.23 33.77
C PRO A 267 14.45 34.81 34.65
N GLU A 268 14.33 36.14 34.66
CA GLU A 268 13.35 36.85 35.45
C GLU A 268 12.53 37.79 34.57
N PRO A 269 11.25 37.97 34.88
CA PRO A 269 10.43 38.90 34.10
C PRO A 269 10.91 40.35 34.20
N LEU A 270 10.84 41.05 33.07
CA LEU A 270 11.23 42.45 33.03
C LEU A 270 10.25 43.33 33.80
N THR A 271 10.77 44.44 34.30
CA THR A 271 9.97 45.54 34.82
C THR A 271 10.51 46.82 34.20
N LEU A 272 9.63 47.63 33.64
CA LEU A 272 10.09 48.86 33.00
C LEU A 272 8.97 49.88 33.06
N ARG A 273 9.32 51.12 32.77
CA ARG A 273 8.41 52.23 32.93
C ARG A 273 8.82 53.32 31.95
N TRP A 274 7.92 54.28 31.76
CA TRP A 274 8.25 55.49 31.00
C TRP A 274 8.78 56.51 31.99
N GLU A 275 10.01 56.95 31.79
CA GLU A 275 10.64 57.89 32.70
C GLU A 275 10.54 59.29 32.14
N PRO A 276 9.97 60.24 32.88
CA PRO A 276 9.91 61.64 32.39
C PRO A 276 11.23 62.34 32.64
N PRO A 277 11.46 63.51 32.02
CA PRO A 277 12.72 64.25 32.22
C PRO A 277 12.98 64.67 33.68
N MET B 1 -17.78 21.15 8.61
CA MET B 1 -17.11 22.26 7.94
C MET B 1 -17.22 23.54 8.77
N ILE B 2 -16.13 24.29 8.92
CA ILE B 2 -16.26 25.64 9.44
C ILE B 2 -15.37 26.57 8.63
N GLN B 3 -15.92 27.71 8.22
CA GLN B 3 -15.19 28.81 7.63
C GLN B 3 -15.01 29.91 8.67
N ARG B 4 -13.86 30.58 8.65
CA ARG B 4 -13.53 31.64 9.64
C ARG B 4 -12.99 32.87 8.90
N THR B 5 -13.43 34.10 9.25
CA THR B 5 -12.81 35.14 8.43
C THR B 5 -11.48 35.60 9.02
N PRO B 6 -10.58 36.09 8.17
CA PRO B 6 -9.24 36.47 8.63
C PRO B 6 -9.27 37.70 9.52
N LYS B 7 -8.48 37.62 10.57
CA LYS B 7 -8.13 38.78 11.41
C LYS B 7 -6.94 39.42 10.70
N ILE B 8 -6.84 40.74 10.69
CA ILE B 8 -5.82 41.49 9.95
C ILE B 8 -5.11 42.43 10.92
N GLN B 9 -3.78 42.46 10.86
CA GLN B 9 -2.98 43.52 11.48
C GLN B 9 -2.01 44.07 10.45
N VAL B 10 -1.85 45.39 10.47
CA VAL B 10 -0.94 46.12 9.58
C VAL B 10 0.05 46.88 10.45
N TYR B 11 1.34 46.66 10.23
CA TYR B 11 2.37 47.18 11.13
C TYR B 11 3.72 47.05 10.45
N SER B 12 4.76 47.60 11.10
CA SER B 12 6.10 47.57 10.55
C SER B 12 6.98 46.57 11.29
N ARG B 13 7.98 46.02 10.58
CA ARG B 13 8.93 45.09 11.19
C ARG B 13 9.69 45.73 12.35
N HIS B 14 10.13 46.97 12.19
CA HIS B 14 10.82 47.75 13.20
C HIS B 14 10.03 49.01 13.50
N PRO B 15 10.23 49.61 14.67
CA PRO B 15 9.58 50.89 14.96
C PRO B 15 9.85 51.88 13.84
N ALA B 16 8.78 52.44 13.28
CA ALA B 16 8.93 53.27 12.10
C ALA B 16 9.69 54.55 12.44
N GLU B 17 10.73 54.84 11.67
CA GLU B 17 11.43 56.11 11.74
C GLU B 17 11.53 56.68 10.33
N ASN B 18 11.05 57.89 10.16
CA ASN B 18 11.05 58.54 8.85
C ASN B 18 12.43 58.50 8.21
N GLY B 19 12.45 58.14 6.93
CA GLY B 19 13.69 58.09 6.18
C GLY B 19 14.59 56.92 6.48
N LYS B 20 14.10 55.91 7.20
CA LYS B 20 14.88 54.71 7.48
C LYS B 20 14.18 53.49 6.90
N SER B 21 14.94 52.65 6.20
CA SER B 21 14.38 51.46 5.56
C SER B 21 13.78 50.53 6.60
N ASN B 22 12.63 49.94 6.25
CA ASN B 22 11.82 49.13 7.14
C ASN B 22 11.08 48.12 6.27
N PHE B 23 10.21 47.33 6.91
CA PHE B 23 9.31 46.39 6.23
C PHE B 23 7.89 46.67 6.69
N LEU B 24 6.97 46.74 5.74
CA LEU B 24 5.56 46.90 6.04
C LEU B 24 4.88 45.53 5.99
N ASN B 25 4.20 45.17 7.07
CA ASN B 25 3.61 43.85 7.21
C ASN B 25 2.09 43.92 7.21
N CYS B 26 1.47 42.96 6.52
CA CYS B 26 0.04 42.67 6.64
C CYS B 26 -0.07 41.23 7.14
N TYR B 27 -0.38 41.06 8.41
CA TYR B 27 -0.52 39.76 9.02
C TYR B 27 -1.98 39.33 8.98
N VAL B 28 -2.25 38.27 8.25
CA VAL B 28 -3.60 37.74 8.07
C VAL B 28 -3.65 36.38 8.78
N SER B 29 -4.60 36.19 9.70
CA SER B 29 -4.55 34.99 10.52
C SER B 29 -5.94 34.54 10.94
N GLY B 30 -6.00 33.28 11.40
CA GLY B 30 -7.25 32.73 11.88
C GLY B 30 -8.29 32.43 10.82
N PHE B 31 -7.90 32.29 9.55
CA PHE B 31 -8.90 32.12 8.49
C PHE B 31 -8.99 30.68 8.00
N HIS B 32 -10.14 30.37 7.36
CA HIS B 32 -10.40 29.08 6.75
C HIS B 32 -11.55 29.27 5.76
N PRO B 33 -11.42 28.80 4.52
CA PRO B 33 -10.31 28.05 3.93
C PRO B 33 -9.12 28.94 3.56
N SER B 34 -8.11 28.34 2.94
CA SER B 34 -6.83 29.01 2.76
C SER B 34 -6.79 29.94 1.57
N ASP B 35 -7.66 29.75 0.56
CA ASP B 35 -7.72 30.69 -0.55
C ASP B 35 -7.97 32.10 -0.03
N ILE B 36 -7.04 33.00 -0.31
CA ILE B 36 -7.15 34.35 0.22
C ILE B 36 -6.40 35.27 -0.72
N GLU B 37 -6.82 36.53 -0.78
CA GLU B 37 -6.16 37.53 -1.60
C GLU B 37 -5.80 38.73 -0.74
N VAL B 38 -4.53 39.15 -0.81
CA VAL B 38 -3.96 40.17 0.07
C VAL B 38 -3.16 41.15 -0.80
N ASP B 39 -3.49 42.45 -0.71
CA ASP B 39 -2.79 43.50 -1.43
C ASP B 39 -2.32 44.57 -0.46
N LEU B 40 -1.09 45.04 -0.65
CA LEU B 40 -0.55 46.14 0.15
C LEU B 40 -0.65 47.41 -0.67
N LEU B 41 -1.28 48.44 -0.11
CA LEU B 41 -1.50 49.68 -0.84
C LEU B 41 -0.66 50.83 -0.28
N LYS B 42 -0.08 51.61 -1.18
CA LYS B 42 0.58 52.87 -0.85
C LYS B 42 -0.22 53.98 -1.50
N ASN B 43 -0.82 54.83 -0.68
CA ASN B 43 -1.66 55.93 -1.18
C ASN B 43 -2.66 55.41 -2.21
N GLY B 44 -3.33 54.32 -1.85
CA GLY B 44 -4.39 53.75 -2.64
C GLY B 44 -3.96 52.91 -3.82
N GLU B 45 -2.67 52.82 -4.10
CA GLU B 45 -2.19 52.07 -5.25
C GLU B 45 -1.60 50.74 -4.81
N ARG B 46 -1.91 49.69 -5.55
CA ARG B 46 -1.43 48.36 -5.20
C ARG B 46 0.07 48.25 -5.46
N ILE B 47 0.80 47.75 -4.46
CA ILE B 47 2.26 47.63 -4.56
C ILE B 47 2.62 46.32 -5.25
N GLU B 48 3.54 46.39 -6.20
CA GLU B 48 3.89 45.22 -7.02
C GLU B 48 4.79 44.22 -6.29
N LYS B 49 5.69 44.72 -5.44
CA LYS B 49 6.75 43.89 -4.85
C LYS B 49 6.33 43.42 -3.46
N VAL B 50 5.41 42.46 -3.45
CA VAL B 50 4.91 41.89 -2.21
C VAL B 50 5.21 40.41 -2.20
N GLU B 51 5.92 39.96 -1.17
CA GLU B 51 6.13 38.54 -0.95
C GLU B 51 5.36 38.10 0.27
N HIS B 52 5.36 36.79 0.52
CA HIS B 52 4.62 36.31 1.66
C HIS B 52 5.23 35.03 2.20
N SER B 53 5.09 34.85 3.51
CA SER B 53 5.50 33.64 4.18
C SER B 53 4.81 32.43 3.56
N ASP B 54 5.17 31.26 4.06
N ASP B 54 5.15 31.27 4.08
CA ASP B 54 4.56 29.99 3.58
CA ASP B 54 4.57 30.00 3.56
C ASP B 54 3.29 29.73 4.39
C ASP B 54 3.32 29.68 4.39
N LEU B 55 2.27 29.21 3.70
CA LEU B 55 0.99 28.90 4.35
C LEU B 55 1.19 27.89 5.49
N SER B 56 0.77 28.28 6.68
CA SER B 56 0.75 27.31 7.81
C SER B 56 -0.54 27.49 8.58
N PHE B 57 -0.65 26.77 9.67
CA PHE B 57 -1.90 26.83 10.44
C PHE B 57 -1.59 26.58 11.90
N SER B 58 -2.61 26.82 12.69
CA SER B 58 -2.54 26.76 14.14
C SER B 58 -3.24 25.52 14.66
N LYS B 59 -3.17 25.34 15.98
CA LYS B 59 -3.77 24.18 16.63
C LYS B 59 -5.26 24.06 16.34
N ASP B 60 -5.94 25.20 16.16
CA ASP B 60 -7.35 25.14 15.82
C ASP B 60 -7.57 24.96 14.32
N TRP B 61 -6.49 24.70 13.56
CA TRP B 61 -6.45 24.44 12.13
C TRP B 61 -6.60 25.69 11.26
N SER B 62 -6.82 26.87 11.81
CA SER B 62 -6.96 28.09 11.01
C SER B 62 -5.61 28.55 10.47
N PHE B 63 -5.63 29.11 9.25
CA PHE B 63 -4.40 29.48 8.53
C PHE B 63 -3.89 30.86 8.92
N TYR B 64 -2.62 31.10 8.61
CA TYR B 64 -2.05 32.41 8.81
C TYR B 64 -0.95 32.63 7.78
N LEU B 65 -0.76 33.90 7.44
CA LEU B 65 0.16 34.33 6.40
C LEU B 65 0.64 35.72 6.73
N LEU B 66 1.91 35.98 6.47
CA LEU B 66 2.46 37.32 6.50
C LEU B 66 2.73 37.74 5.07
N TYR B 67 2.21 38.91 4.69
CA TYR B 67 2.58 39.57 3.46
C TYR B 67 3.46 40.74 3.82
N TYR B 68 4.63 40.84 3.18
CA TYR B 68 5.55 41.92 3.49
C TYR B 68 6.05 42.58 2.21
N THR B 69 6.37 43.87 2.33
CA THR B 69 7.11 44.60 1.31
C THR B 69 8.13 45.50 1.99
N GLU B 70 9.26 45.73 1.32
CA GLU B 70 10.20 46.73 1.79
C GLU B 70 9.67 48.14 1.50
N PHE B 71 9.90 49.07 2.43
CA PHE B 71 9.48 50.45 2.25
C PHE B 71 10.26 51.35 3.20
N THR B 72 10.25 52.64 2.87
CA THR B 72 10.85 53.66 3.73
C THR B 72 9.77 54.63 4.19
N PRO B 73 9.41 54.61 5.47
CA PRO B 73 8.33 55.50 5.94
C PRO B 73 8.67 56.96 5.73
N THR B 74 7.69 57.70 5.24
CA THR B 74 7.74 59.16 5.27
C THR B 74 6.70 59.65 6.27
N GLU B 75 6.63 60.97 6.42
CA GLU B 75 5.73 61.55 7.40
C GLU B 75 4.28 61.53 6.93
N LYS B 76 4.04 61.60 5.61
CA LYS B 76 2.69 61.78 5.10
C LYS B 76 2.27 60.75 4.06
N ASP B 77 3.16 59.87 3.61
CA ASP B 77 2.72 58.72 2.83
C ASP B 77 1.85 57.81 3.70
N GLU B 78 0.89 57.14 3.06
CA GLU B 78 -0.11 56.37 3.80
C GLU B 78 -0.22 54.96 3.21
N TYR B 79 -0.40 53.97 4.09
CA TYR B 79 -0.36 52.56 3.72
C TYR B 79 -1.56 51.83 4.29
N ALA B 80 -2.01 50.81 3.56
CA ALA B 80 -3.12 49.97 4.00
C ALA B 80 -2.91 48.54 3.52
N CYS B 81 -3.71 47.64 4.07
CA CYS B 81 -3.80 46.28 3.57
C CYS B 81 -5.22 46.01 3.11
N ARG B 82 -5.37 45.35 1.96
CA ARG B 82 -6.69 44.99 1.45
C ARG B 82 -6.82 43.49 1.28
N VAL B 83 -7.87 42.91 1.85
CA VAL B 83 -8.00 41.46 1.97
C VAL B 83 -9.36 41.01 1.44
N ASN B 84 -9.35 39.99 0.60
CA ASN B 84 -10.59 39.33 0.20
C ASN B 84 -10.53 37.85 0.57
N HIS B 85 -11.69 37.34 0.99
CA HIS B 85 -11.85 35.97 1.49
C HIS B 85 -13.31 35.61 1.27
N VAL B 86 -13.58 34.31 1.16
CA VAL B 86 -14.91 33.85 0.78
C VAL B 86 -15.93 34.23 1.84
N THR B 87 -15.49 34.38 3.10
CA THR B 87 -16.40 34.75 4.19
C THR B 87 -16.76 36.24 4.20
N LEU B 88 -16.16 37.05 3.33
CA LEU B 88 -16.33 38.49 3.32
C LEU B 88 -17.23 38.91 2.18
N SER B 89 -18.19 39.80 2.46
CA SER B 89 -19.10 40.29 1.44
C SER B 89 -18.44 41.29 0.51
N GLN B 90 -17.37 41.95 0.97
CA GLN B 90 -16.55 42.88 0.21
C GLN B 90 -15.16 42.90 0.82
N PRO B 91 -14.15 43.27 0.05
CA PRO B 91 -12.79 43.34 0.61
C PRO B 91 -12.75 44.21 1.86
N LYS B 92 -11.98 43.77 2.85
CA LYS B 92 -11.79 44.50 4.09
C LYS B 92 -10.44 45.22 4.01
N ILE B 93 -10.40 46.46 4.49
CA ILE B 93 -9.22 47.31 4.39
C ILE B 93 -8.80 47.72 5.79
N VAL B 94 -7.50 47.66 6.08
CA VAL B 94 -6.97 48.05 7.37
C VAL B 94 -5.80 49.02 7.19
N LYS B 95 -5.94 50.21 7.79
CA LYS B 95 -4.97 51.30 7.68
C LYS B 95 -3.72 50.99 8.49
N TRP B 96 -2.56 51.37 7.98
CA TRP B 96 -1.34 51.30 8.76
C TRP B 96 -1.29 52.46 9.74
N ASP B 97 -1.20 52.16 11.03
CA ASP B 97 -1.00 53.17 12.06
C ASP B 97 0.33 52.87 12.76
N ARG B 98 1.29 53.78 12.62
CA ARG B 98 2.65 53.51 13.08
C ARG B 98 2.75 53.41 14.60
N ASP B 99 1.79 53.94 15.35
CA ASP B 99 1.80 53.81 16.79
C ASP B 99 1.27 52.47 17.27
N MET B 100 0.81 51.62 16.36
CA MET B 100 0.06 50.42 16.75
C MET B 100 0.65 49.11 16.21
N SER C 1 12.77 15.11 9.42
CA SER C 1 12.52 14.06 8.43
C SER C 1 11.01 13.75 8.33
N SER C 2 10.43 13.97 7.17
CA SER C 2 8.98 14.00 7.03
C SER C 2 8.37 12.60 7.18
N LEU C 3 7.12 12.58 7.62
CA LEU C 3 6.36 11.34 7.71
C LEU C 3 5.76 11.03 6.35
N CYS C 4 5.90 9.78 5.92
CA CYS C 4 5.19 9.30 4.74
C CYS C 4 4.03 8.45 5.25
N ASN C 5 2.81 8.84 4.88
CA ASN C 5 1.64 8.23 5.50
C ASN C 5 1.52 6.75 5.15
N PHE C 6 0.92 6.00 6.07
CA PHE C 6 0.59 4.60 5.81
C PHE C 6 -0.31 4.53 4.58
N ARG C 7 -0.06 3.55 3.72
CA ARG C 7 -0.62 3.61 2.38
C ARG C 7 -2.14 3.51 2.34
N ALA C 8 -2.78 3.07 3.41
CA ALA C 8 -4.23 3.05 3.43
C ALA C 8 -4.73 4.50 3.48
N TYR C 9 -5.55 4.87 2.51
CA TYR C 9 -6.04 6.24 2.42
C TYR C 9 -7.15 6.50 3.43
N VAL C 10 -7.58 7.75 3.51
CA VAL C 10 -8.72 8.09 4.35
C VAL C 10 -9.93 7.24 3.92
N LYS D 3 15.57 -5.67 -1.06
CA LYS D 3 15.69 -7.02 -1.60
C LYS D 3 15.87 -8.09 -0.51
N THR D 4 15.24 -9.24 -0.70
CA THR D 4 15.31 -10.34 0.25
C THR D 4 16.08 -11.50 -0.36
N THR D 5 16.58 -12.36 0.51
CA THR D 5 17.28 -13.56 0.07
C THR D 5 16.66 -14.76 0.78
N GLN D 6 16.20 -15.73 0.01
CA GLN D 6 15.67 -16.96 0.56
C GLN D 6 16.39 -18.15 -0.06
N PRO D 7 16.47 -19.28 0.63
CA PRO D 7 16.96 -20.51 -0.01
C PRO D 7 16.03 -20.95 -1.13
N ASP D 8 16.62 -21.67 -2.09
CA ASP D 8 15.88 -22.09 -3.28
C ASP D 8 14.73 -23.03 -2.94
N SER D 9 14.92 -23.91 -1.96
CA SER D 9 13.92 -24.93 -1.73
C SER D 9 14.03 -25.43 -0.29
N MET D 10 13.02 -26.19 0.11
CA MET D 10 12.87 -26.69 1.46
C MET D 10 12.01 -27.94 1.37
N GLU D 11 12.40 -28.99 2.09
CA GLU D 11 11.66 -30.25 2.10
C GLU D 11 11.17 -30.53 3.51
N SER D 12 9.94 -31.04 3.62
CA SER D 12 9.43 -31.52 4.90
C SER D 12 8.41 -32.61 4.67
N THR D 13 8.14 -33.38 5.71
CA THR D 13 7.04 -34.33 5.71
C THR D 13 5.85 -33.72 6.43
N GLU D 14 4.65 -34.12 6.01
CA GLU D 14 3.45 -33.63 6.67
C GLU D 14 3.52 -33.86 8.17
N GLY D 15 3.02 -32.90 8.93
CA GLY D 15 3.00 -32.98 10.37
C GLY D 15 4.12 -32.22 11.05
N GLU D 16 5.25 -32.04 10.36
CA GLU D 16 6.38 -31.35 10.96
C GLU D 16 6.13 -29.83 10.98
N THR D 17 6.89 -29.15 11.82
CA THR D 17 6.91 -27.70 11.83
C THR D 17 7.95 -27.23 10.82
N VAL D 18 7.60 -26.22 10.02
CA VAL D 18 8.47 -25.75 8.94
C VAL D 18 8.94 -24.34 9.27
N HIS D 19 10.23 -24.09 9.07
CA HIS D 19 10.82 -22.78 9.32
C HIS D 19 11.39 -22.26 8.00
N LEU D 20 10.82 -21.17 7.48
CA LEU D 20 11.30 -20.61 6.24
C LEU D 20 12.11 -19.36 6.55
N PRO D 21 13.39 -19.33 6.25
CA PRO D 21 14.20 -18.16 6.59
C PRO D 21 14.25 -17.15 5.47
N CYS D 22 14.48 -15.91 5.86
CA CYS D 22 14.52 -14.80 4.92
C CYS D 22 15.53 -13.81 5.45
N SER D 23 16.40 -13.33 4.57
CA SER D 23 17.43 -12.36 4.91
C SER D 23 17.14 -11.06 4.19
N HIS D 24 17.27 -9.94 4.90
CA HIS D 24 16.94 -8.63 4.30
C HIS D 24 17.74 -7.57 5.07
N ALA D 25 19.06 -7.56 4.85
CA ALA D 25 19.94 -6.73 5.68
C ALA D 25 19.92 -5.25 5.33
N THR D 26 19.34 -4.84 4.19
CA THR D 26 19.21 -3.43 3.84
C THR D 26 17.79 -2.92 4.03
N ILE D 27 17.03 -3.57 4.92
CA ILE D 27 15.69 -3.13 5.22
C ILE D 27 15.71 -1.77 5.91
N SER D 28 14.64 -1.00 5.72
CA SER D 28 14.51 0.30 6.37
C SER D 28 13.37 0.28 7.39
N GLY D 29 13.37 1.26 8.29
CA GLY D 29 12.41 1.28 9.38
C GLY D 29 10.95 1.33 8.96
N ASN D 30 10.64 1.80 7.76
CA ASN D 30 9.26 1.87 7.31
C ASN D 30 8.81 0.64 6.52
N GLU D 31 9.69 -0.32 6.26
CA GLU D 31 9.40 -1.43 5.38
C GLU D 31 8.88 -2.62 6.18
N TYR D 32 7.68 -3.09 5.82
CA TYR D 32 7.12 -4.32 6.37
C TYR D 32 7.74 -5.54 5.70
N ILE D 33 7.67 -6.67 6.39
CA ILE D 33 8.03 -7.96 5.84
C ILE D 33 6.74 -8.71 5.54
N TYR D 34 6.48 -8.98 4.26
CA TYR D 34 5.28 -9.68 3.83
C TYR D 34 5.63 -11.05 3.30
N TRP D 35 4.80 -12.03 3.61
CA TRP D 35 4.92 -13.37 3.04
C TRP D 35 3.68 -13.67 2.23
N TYR D 36 3.88 -14.02 0.96
CA TYR D 36 2.87 -14.52 0.05
C TYR D 36 3.27 -15.93 -0.37
N ARG D 37 2.27 -16.77 -0.68
CA ARG D 37 2.52 -18.09 -1.23
C ARG D 37 1.80 -18.23 -2.55
N GLN D 38 2.33 -19.09 -3.42
CA GLN D 38 1.67 -19.37 -4.69
C GLN D 38 1.75 -20.86 -5.00
N VAL D 39 0.62 -21.54 -4.98
CA VAL D 39 0.54 -22.88 -5.57
C VAL D 39 0.70 -22.74 -7.09
N PRO D 40 1.53 -23.57 -7.74
CA PRO D 40 1.90 -23.25 -9.14
C PRO D 40 0.71 -23.09 -10.07
N LEU D 41 0.77 -22.06 -10.91
CA LEU D 41 -0.25 -21.62 -11.87
C LEU D 41 -1.54 -21.11 -11.22
N GLN D 42 -1.62 -21.05 -9.88
CA GLN D 42 -2.72 -20.44 -9.16
C GLN D 42 -2.36 -19.04 -8.73
N GLY D 43 -3.38 -18.30 -8.28
CA GLY D 43 -3.17 -16.95 -7.83
C GLY D 43 -2.42 -16.94 -6.51
N PRO D 44 -1.44 -16.04 -6.38
CA PRO D 44 -0.72 -15.93 -5.11
C PRO D 44 -1.66 -15.52 -4.00
N GLU D 45 -1.27 -15.86 -2.78
CA GLU D 45 -2.14 -15.72 -1.62
C GLU D 45 -1.35 -15.14 -0.47
N TYR D 46 -1.90 -14.11 0.18
CA TYR D 46 -1.28 -13.56 1.40
C TYR D 46 -1.19 -14.62 2.49
N VAL D 47 -0.06 -14.67 3.18
CA VAL D 47 0.13 -15.53 4.34
C VAL D 47 0.15 -14.71 5.64
N THR D 48 1.07 -13.76 5.74
CA THR D 48 1.19 -12.97 6.95
C THR D 48 2.14 -11.83 6.65
N HIS D 49 2.28 -10.94 7.62
CA HIS D 49 3.24 -9.85 7.52
C HIS D 49 3.50 -9.33 8.92
N GLY D 50 4.55 -8.52 9.04
CA GLY D 50 4.81 -7.90 10.32
C GLY D 50 5.82 -6.79 10.12
N LEU D 51 5.91 -5.94 11.13
CA LEU D 51 6.84 -4.82 11.08
C LEU D 51 8.00 -5.05 12.02
N GLN D 52 7.72 -5.36 13.28
CA GLN D 52 8.78 -5.79 14.18
C GLN D 52 8.23 -6.82 15.15
N GLN D 53 7.12 -6.46 15.79
CA GLN D 53 6.46 -7.33 16.75
C GLN D 53 6.07 -8.62 16.04
N ASN D 54 6.47 -9.76 16.63
CA ASN D 54 6.13 -11.07 16.09
C ASN D 54 4.64 -11.20 15.87
N THR D 55 4.24 -12.07 14.95
CA THR D 55 2.86 -12.09 14.50
C THR D 55 2.38 -13.52 14.41
N THR D 56 1.21 -13.81 14.97
CA THR D 56 0.57 -15.10 14.84
C THR D 56 -0.79 -14.92 14.19
N ASN D 57 -1.11 -15.76 13.21
CA ASN D 57 -2.47 -15.79 12.67
C ASN D 57 -2.83 -17.24 12.38
N SER D 58 -3.97 -17.42 11.71
CA SER D 58 -4.54 -18.75 11.50
C SER D 58 -3.61 -19.70 10.71
N MET D 59 -2.81 -19.18 9.78
CA MET D 59 -2.00 -20.10 8.98
C MET D 59 -0.51 -20.09 9.29
N ALA D 60 0.00 -19.11 10.04
CA ALA D 60 1.46 -19.08 10.18
C ALA D 60 1.86 -18.15 11.31
N PHE D 61 3.11 -18.30 11.73
CA PHE D 61 3.75 -17.44 12.70
C PHE D 61 4.92 -16.74 12.00
N LEU D 62 5.18 -15.50 12.38
CA LEU D 62 6.30 -14.76 11.82
C LEU D 62 7.19 -14.28 12.97
N ALA D 63 8.49 -14.46 12.84
CA ALA D 63 9.45 -13.94 13.80
C ALA D 63 10.40 -13.04 13.06
N ILE D 64 10.66 -11.88 13.64
CA ILE D 64 11.53 -10.88 13.03
C ILE D 64 12.66 -10.61 14.01
N ALA D 65 13.91 -10.67 13.53
CA ALA D 65 15.05 -10.47 14.42
C ALA D 65 15.05 -9.05 14.98
N SER D 66 15.64 -8.86 16.15
CA SER D 66 15.52 -7.54 16.77
C SER D 66 16.30 -6.46 16.00
N ASP D 67 17.31 -6.82 15.21
CA ASP D 67 17.89 -5.84 14.30
C ASP D 67 17.13 -5.75 12.97
N ARG D 68 16.07 -6.53 12.79
CA ARG D 68 15.19 -6.54 11.61
C ARG D 68 15.89 -6.97 10.33
N LYS D 69 17.10 -7.52 10.42
CA LYS D 69 17.82 -7.85 9.20
C LYS D 69 17.56 -9.26 8.70
N SER D 70 16.85 -10.09 9.48
CA SER D 70 16.35 -11.35 8.96
C SER D 70 15.05 -11.68 9.67
N SER D 71 14.33 -12.65 9.11
CA SER D 71 13.08 -13.09 9.71
C SER D 71 12.88 -14.56 9.37
N THR D 72 11.85 -15.17 9.96
CA THR D 72 11.50 -16.51 9.51
C THR D 72 10.00 -16.75 9.61
N LEU D 73 9.45 -17.36 8.57
CA LEU D 73 8.06 -17.78 8.59
C LEU D 73 7.97 -19.17 9.21
N ILE D 74 7.00 -19.37 10.09
CA ILE D 74 6.86 -20.62 10.82
C ILE D 74 5.48 -21.21 10.51
N LEU D 75 5.48 -22.40 9.95
CA LEU D 75 4.23 -23.03 9.56
C LEU D 75 4.03 -24.22 10.49
N PRO D 76 3.02 -24.16 11.37
CA PRO D 76 3.04 -25.03 12.57
C PRO D 76 2.99 -26.52 12.27
N HIS D 77 2.01 -26.98 11.51
CA HIS D 77 1.79 -28.43 11.38
C HIS D 77 1.46 -28.74 9.93
N VAL D 78 2.45 -28.59 9.04
CA VAL D 78 2.17 -28.43 7.62
C VAL D 78 1.39 -29.62 7.09
N SER D 79 0.38 -29.31 6.29
CA SER D 79 -0.37 -30.24 5.47
C SER D 79 0.27 -30.36 4.10
N LEU D 80 -0.21 -31.33 3.32
CA LEU D 80 0.10 -31.37 1.90
C LEU D 80 -0.35 -30.09 1.20
N ARG D 81 -1.41 -29.45 1.69
CA ARG D 81 -1.98 -28.27 1.04
C ARG D 81 -1.12 -27.03 1.25
N ASP D 82 -0.10 -27.10 2.11
CA ASP D 82 0.81 -26.00 2.33
C ASP D 82 1.97 -25.98 1.35
N ALA D 83 2.20 -27.06 0.61
CA ALA D 83 3.23 -27.07 -0.42
C ALA D 83 2.99 -25.94 -1.42
N ALA D 84 4.05 -25.17 -1.71
CA ALA D 84 3.94 -24.00 -2.57
C ALA D 84 5.25 -23.23 -2.62
N VAL D 85 5.32 -22.19 -3.43
CA VAL D 85 6.44 -21.26 -3.40
C VAL D 85 6.09 -20.18 -2.38
N TYR D 86 7.00 -19.91 -1.45
CA TYR D 86 6.80 -18.92 -0.42
C TYR D 86 7.71 -17.72 -0.69
N HIS D 87 7.10 -16.55 -0.86
CA HIS D 87 7.79 -15.31 -1.20
C HIS D 87 7.84 -14.42 0.03
N CYS D 88 9.05 -14.10 0.47
CA CYS D 88 9.30 -13.05 1.45
C CYS D 88 9.62 -11.76 0.70
N ILE D 89 8.88 -10.68 0.99
CA ILE D 89 8.98 -9.46 0.21
C ILE D 89 8.89 -8.24 1.13
N LEU D 90 9.78 -7.29 0.91
CA LEU D 90 9.74 -6.03 1.65
C LEU D 90 8.71 -5.12 1.01
N SER D 91 7.95 -4.42 1.84
CA SER D 91 6.83 -3.63 1.36
C SER D 91 6.81 -2.35 2.21
N GLY D 92 7.26 -1.25 1.62
CA GLY D 92 7.22 0.05 2.26
C GLY D 92 5.84 0.33 2.81
N GLY D 93 5.75 0.79 4.05
CA GLY D 93 4.45 1.09 4.63
C GLY D 93 3.67 2.14 3.86
N SER D 94 4.33 2.94 3.04
CA SER D 94 3.64 3.97 2.26
C SER D 94 3.48 3.62 0.79
N ASN D 95 3.89 2.41 0.38
CA ASN D 95 4.10 2.02 -1.01
C ASN D 95 3.14 0.89 -1.34
N TYR D 96 2.50 0.93 -2.51
CA TYR D 96 1.61 -0.15 -2.92
C TYR D 96 2.30 -1.23 -3.77
N LYS D 97 3.52 -1.00 -4.24
CA LYS D 97 4.19 -1.95 -5.13
C LYS D 97 4.88 -3.06 -4.35
N LEU D 98 4.97 -4.23 -4.97
CA LEU D 98 5.79 -5.35 -4.49
C LEU D 98 6.68 -5.84 -5.63
N THR D 99 7.87 -6.29 -5.28
CA THR D 99 8.75 -6.94 -6.25
C THR D 99 8.96 -8.38 -5.81
N PHE D 100 8.34 -9.32 -6.52
CA PHE D 100 8.47 -10.73 -6.21
C PHE D 100 9.83 -11.26 -6.68
N GLY D 101 10.45 -12.10 -5.86
CA GLY D 101 11.66 -12.80 -6.23
C GLY D 101 11.38 -14.25 -6.57
N LYS D 102 12.43 -15.08 -6.50
CA LYS D 102 12.25 -16.51 -6.79
C LYS D 102 11.56 -17.24 -5.63
N GLY D 103 11.74 -16.76 -4.39
CA GLY D 103 11.04 -17.38 -3.28
C GLY D 103 11.64 -18.74 -2.94
N THR D 104 10.99 -19.43 -2.00
CA THR D 104 11.42 -20.74 -1.53
C THR D 104 10.37 -21.76 -1.94
N LEU D 105 10.78 -22.77 -2.69
CA LEU D 105 9.85 -23.83 -3.06
C LEU D 105 9.77 -24.85 -1.92
N LEU D 106 8.61 -24.94 -1.29
CA LEU D 106 8.41 -25.86 -0.19
C LEU D 106 7.68 -27.08 -0.72
N THR D 107 8.32 -28.24 -0.61
CA THR D 107 7.64 -29.50 -0.88
C THR D 107 7.30 -30.15 0.44
N VAL D 108 6.19 -30.86 0.48
CA VAL D 108 5.84 -31.64 1.67
C VAL D 108 5.31 -32.98 1.21
N THR D 109 5.94 -34.00 1.65
CA THR D 109 5.70 -35.39 1.28
C THR D 109 4.82 -36.06 2.32
N PRO D 110 3.99 -37.01 1.90
CA PRO D 110 3.05 -37.62 2.84
C PRO D 110 3.76 -38.59 3.77
N ASN D 111 3.19 -38.73 4.95
CA ASN D 111 3.55 -39.77 5.90
C ASN D 111 2.84 -41.05 5.47
N ILE D 112 3.57 -41.95 4.82
CA ILE D 112 2.97 -43.19 4.34
C ILE D 112 3.12 -44.23 5.45
N GLN D 113 1.98 -44.68 5.98
CA GLN D 113 2.01 -45.56 7.15
C GLN D 113 2.40 -46.99 6.78
N ASN D 114 1.71 -47.57 5.79
CA ASN D 114 1.87 -48.97 5.43
C ASN D 114 2.17 -49.10 3.93
N PRO D 115 3.40 -48.82 3.52
CA PRO D 115 3.74 -48.91 2.09
C PRO D 115 3.47 -50.30 1.55
N ASP D 116 2.81 -50.34 0.41
CA ASP D 116 2.53 -51.60 -0.30
C ASP D 116 2.89 -51.42 -1.77
N PRO D 117 4.14 -51.08 -2.07
CA PRO D 117 4.50 -50.71 -3.44
C PRO D 117 4.13 -51.81 -4.44
N ALA D 118 3.52 -51.39 -5.55
CA ALA D 118 3.05 -52.34 -6.55
C ALA D 118 2.88 -51.64 -7.90
N VAL D 119 2.92 -52.45 -8.97
CA VAL D 119 2.70 -51.97 -10.34
C VAL D 119 1.52 -52.75 -10.90
N TYR D 120 0.41 -52.07 -11.17
CA TYR D 120 -0.80 -52.70 -11.69
C TYR D 120 -1.04 -52.33 -13.15
N GLN D 121 -1.70 -53.22 -13.89
CA GLN D 121 -2.13 -52.91 -15.25
C GLN D 121 -3.60 -52.54 -15.25
N LEU D 122 -3.93 -51.43 -15.91
CA LEU D 122 -5.28 -50.93 -16.02
C LEU D 122 -5.76 -51.09 -17.46
N ARG D 123 -7.06 -51.34 -17.60
CA ARG D 123 -7.65 -51.76 -18.86
C ARG D 123 -8.66 -50.71 -19.35
N ASP D 124 -8.56 -50.29 -20.62
CA ASP D 124 -9.43 -49.24 -21.12
C ASP D 124 -10.88 -49.70 -21.19
N SER D 125 -11.78 -48.92 -20.61
CA SER D 125 -13.21 -49.23 -20.50
C SER D 125 -13.98 -49.00 -21.80
N LYS D 126 -13.32 -49.00 -22.95
CA LYS D 126 -13.98 -48.73 -24.21
C LYS D 126 -13.28 -49.50 -25.31
N SER D 127 -12.48 -48.80 -26.11
CA SER D 127 -11.55 -49.50 -26.99
C SER D 127 -10.67 -50.42 -26.17
N SER D 128 -10.29 -51.56 -26.75
CA SER D 128 -9.39 -52.47 -26.06
C SER D 128 -8.04 -52.46 -26.75
N ASP D 129 -7.12 -53.28 -26.23
CA ASP D 129 -5.69 -53.23 -26.52
C ASP D 129 -5.06 -51.87 -26.19
N LYS D 130 -5.73 -51.07 -25.36
CA LYS D 130 -5.19 -49.84 -24.81
C LYS D 130 -4.83 -50.09 -23.34
N SER D 131 -3.57 -49.82 -22.98
CA SER D 131 -3.03 -50.31 -21.72
C SER D 131 -2.25 -49.24 -20.96
N VAL D 132 -2.40 -49.25 -19.64
CA VAL D 132 -1.78 -48.28 -18.74
C VAL D 132 -1.21 -49.01 -17.53
N CYS D 133 -0.05 -48.59 -17.04
CA CYS D 133 0.56 -49.16 -15.83
C CYS D 133 0.52 -48.15 -14.70
N LEU D 134 0.06 -48.57 -13.52
CA LEU D 134 -0.02 -47.73 -12.34
C LEU D 134 0.98 -48.23 -11.31
N PHE D 135 2.03 -47.45 -11.07
CA PHE D 135 2.98 -47.66 -9.98
C PHE D 135 2.44 -46.95 -8.74
N THR D 136 2.10 -47.69 -7.69
CA THR D 136 1.41 -47.03 -6.59
C THR D 136 1.90 -47.53 -5.24
N ASP D 137 1.54 -46.76 -4.21
CA ASP D 137 1.62 -47.16 -2.81
C ASP D 137 3.06 -47.28 -2.30
N PHE D 138 4.01 -46.65 -2.98
CA PHE D 138 5.39 -46.66 -2.56
C PHE D 138 5.64 -45.50 -1.59
N ASP D 139 6.71 -45.63 -0.80
CA ASP D 139 7.14 -44.56 0.07
C ASP D 139 7.75 -43.43 -0.74
N SER D 140 8.06 -42.33 -0.08
CA SER D 140 8.53 -41.16 -0.82
C SER D 140 10.01 -41.33 -1.18
N GLN D 141 10.22 -42.10 -2.26
CA GLN D 141 11.51 -42.25 -2.96
C GLN D 141 11.24 -42.19 -4.46
N THR D 142 11.94 -41.30 -5.16
CA THR D 142 11.48 -40.76 -6.45
C THR D 142 11.66 -41.75 -7.61
N ASN D 143 11.13 -41.35 -8.77
CA ASN D 143 11.07 -42.12 -10.00
C ASN D 143 11.20 -41.19 -11.21
N VAL D 144 11.72 -41.71 -12.32
CA VAL D 144 12.15 -40.86 -13.43
C VAL D 144 11.54 -41.36 -14.75
N SER D 145 11.76 -40.55 -15.80
CA SER D 145 11.22 -40.81 -17.13
C SER D 145 11.91 -42.01 -17.76
N GLN D 146 11.35 -42.46 -18.88
CA GLN D 146 11.90 -43.64 -19.59
C GLN D 146 12.97 -43.19 -20.60
N SER D 147 13.95 -44.07 -20.84
CA SER D 147 14.96 -43.90 -21.87
C SER D 147 14.45 -44.30 -23.26
N LYS D 148 13.23 -44.82 -23.36
CA LYS D 148 12.58 -45.06 -24.65
C LYS D 148 11.82 -43.80 -25.04
N SER D 150 9.89 -40.68 -26.41
CA SER D 150 8.70 -40.51 -27.23
C SER D 150 7.96 -41.82 -27.48
N ASP D 151 8.30 -42.88 -26.75
CA ASP D 151 7.61 -44.16 -26.92
C ASP D 151 6.96 -44.66 -25.65
N VAL D 152 7.62 -44.51 -24.50
CA VAL D 152 7.02 -44.81 -23.21
C VAL D 152 6.89 -43.50 -22.45
N TYR D 153 5.64 -43.12 -22.16
CA TYR D 153 5.33 -41.89 -21.44
C TYR D 153 5.17 -42.18 -19.96
N ILE D 154 6.00 -41.55 -19.13
CA ILE D 154 5.98 -41.82 -17.70
C ILE D 154 5.68 -40.54 -16.95
N THR D 155 4.66 -40.60 -16.13
CA THR D 155 4.17 -39.52 -15.30
C THR D 155 5.09 -39.33 -14.08
N ASP D 156 5.15 -38.10 -13.57
CA ASP D 156 5.85 -37.89 -12.31
C ASP D 156 4.97 -38.34 -11.15
N LYS D 157 5.58 -38.51 -9.98
CA LYS D 157 4.79 -39.01 -8.85
C LYS D 157 3.77 -37.95 -8.42
N CYS D 158 2.66 -38.44 -7.87
CA CYS D 158 1.46 -37.66 -7.63
C CYS D 158 0.83 -38.19 -6.36
N VAL D 159 0.48 -37.31 -5.43
CA VAL D 159 0.01 -37.71 -4.10
C VAL D 159 -1.49 -37.48 -4.04
N LEU D 160 -2.25 -38.54 -3.80
CA LEU D 160 -3.68 -38.40 -3.62
C LEU D 160 -4.02 -38.59 -2.14
N ASP D 161 -5.12 -37.98 -1.71
CA ASP D 161 -5.46 -37.88 -0.29
C ASP D 161 -6.91 -38.28 -0.10
N MET D 162 -7.14 -39.50 0.40
CA MET D 162 -8.50 -39.99 0.64
C MET D 162 -8.90 -39.47 2.02
N ARG D 163 -9.55 -38.31 2.06
CA ARG D 163 -9.75 -37.61 3.33
C ARG D 163 -10.75 -38.32 4.22
N SER D 164 -11.65 -39.13 3.67
CA SER D 164 -12.60 -39.88 4.48
C SER D 164 -11.88 -40.88 5.38
N MET D 165 -10.92 -41.61 4.83
CA MET D 165 -10.00 -42.37 5.66
C MET D 165 -8.88 -41.40 6.04
N ASP D 166 -7.78 -41.89 6.61
CA ASP D 166 -6.66 -40.99 6.86
C ASP D 166 -5.53 -41.27 5.87
N PHE D 167 -5.90 -41.58 4.63
CA PHE D 167 -5.04 -42.35 3.76
C PHE D 167 -4.51 -41.50 2.61
N LYS D 168 -3.18 -41.43 2.52
CA LYS D 168 -2.48 -40.83 1.39
C LYS D 168 -1.77 -41.94 0.63
N SER D 169 -1.54 -41.70 -0.66
CA SER D 169 -0.77 -42.66 -1.43
C SER D 169 -0.15 -41.99 -2.64
N ASN D 170 1.08 -42.40 -2.91
CA ASN D 170 1.83 -41.99 -4.07
C ASN D 170 1.45 -42.87 -5.25
N SER D 171 1.48 -42.28 -6.43
CA SER D 171 1.38 -43.09 -7.64
C SER D 171 2.02 -42.36 -8.81
N ALA D 172 2.47 -43.14 -9.79
CA ALA D 172 2.80 -42.63 -11.10
C ALA D 172 2.21 -43.54 -12.15
N VAL D 173 1.97 -42.99 -13.33
CA VAL D 173 1.36 -43.71 -14.42
C VAL D 173 2.35 -43.81 -15.58
N ALA D 174 2.28 -44.92 -16.30
CA ALA D 174 3.11 -45.15 -17.47
C ALA D 174 2.25 -45.79 -18.55
N TRP D 175 2.48 -45.42 -19.80
CA TRP D 175 1.72 -46.03 -20.88
C TRP D 175 2.52 -45.94 -22.16
N SER D 176 2.20 -46.84 -23.11
CA SER D 176 2.86 -46.86 -24.40
C SER D 176 1.99 -47.61 -25.39
N ASN D 177 2.18 -47.29 -26.68
CA ASN D 177 1.45 -47.96 -27.74
C ASN D 177 2.13 -49.25 -28.21
N LYS D 178 3.40 -49.44 -27.87
CA LYS D 178 4.11 -50.63 -28.30
C LYS D 178 3.45 -51.89 -27.76
N SER D 179 3.73 -53.01 -28.43
CA SER D 179 3.53 -54.32 -27.82
C SER D 179 4.79 -54.82 -27.13
N ASP D 180 5.93 -54.16 -27.35
CA ASP D 180 7.13 -54.35 -26.54
C ASP D 180 6.91 -53.91 -25.10
N PHE D 181 5.89 -53.11 -24.85
CA PHE D 181 5.67 -52.49 -23.54
C PHE D 181 4.86 -53.42 -22.65
N ALA D 182 5.39 -53.69 -21.47
CA ALA D 182 4.73 -54.50 -20.45
C ALA D 182 4.96 -53.84 -19.10
N CYS D 183 4.05 -54.11 -18.17
CA CYS D 183 4.09 -53.40 -16.91
C CYS D 183 5.31 -53.76 -16.09
N ALA D 184 5.87 -54.95 -16.29
CA ALA D 184 7.03 -55.38 -15.51
C ALA D 184 8.28 -54.59 -15.83
N ASN D 185 8.39 -54.06 -17.05
CA ASN D 185 9.56 -53.30 -17.44
C ASN D 185 9.32 -51.78 -17.43
N ALA D 186 8.10 -51.33 -17.12
CA ALA D 186 7.74 -49.94 -17.35
C ALA D 186 8.63 -48.96 -16.58
N PHE D 187 8.94 -49.30 -15.34
CA PHE D 187 9.62 -48.38 -14.42
C PHE D 187 11.06 -48.79 -14.13
N ASN D 188 11.73 -49.44 -15.10
CA ASN D 188 13.12 -49.91 -14.85
C ASN D 188 14.05 -48.73 -14.57
N ASN D 189 13.86 -47.59 -15.23
CA ASN D 189 14.74 -46.47 -15.00
C ASN D 189 14.55 -45.84 -13.62
N SER D 190 13.68 -46.36 -12.79
CA SER D 190 13.47 -45.81 -11.46
C SER D 190 14.16 -46.66 -10.40
N ILE D 191 14.33 -46.07 -9.23
CA ILE D 191 14.86 -46.76 -8.05
C ILE D 191 13.66 -47.17 -7.20
N ILE D 192 13.19 -48.40 -7.39
CA ILE D 192 11.96 -48.86 -6.76
C ILE D 192 12.27 -49.90 -5.70
N PRO D 193 11.37 -50.16 -4.76
CA PRO D 193 11.67 -51.14 -3.70
C PRO D 193 11.84 -52.53 -4.28
N GLU D 194 12.74 -53.30 -3.67
CA GLU D 194 13.00 -54.65 -4.15
C GLU D 194 11.81 -55.58 -3.97
N ASP D 195 10.86 -55.23 -3.10
CA ASP D 195 9.68 -56.03 -2.85
C ASP D 195 8.44 -55.49 -3.55
N THR D 196 8.61 -54.65 -4.56
CA THR D 196 7.46 -54.14 -5.30
C THR D 196 6.65 -55.30 -5.88
N PHE D 197 5.34 -55.25 -5.66
CA PHE D 197 4.43 -56.32 -6.07
C PHE D 197 4.15 -56.23 -7.57
N PHE D 198 4.42 -57.31 -8.30
CA PHE D 198 4.13 -57.36 -9.73
C PHE D 198 3.12 -58.48 -9.98
N PRO D 199 1.83 -58.18 -10.01
CA PRO D 199 0.83 -59.24 -10.24
C PRO D 199 1.09 -59.97 -11.54
N SER D 200 0.95 -61.30 -11.50
CA SER D 200 1.14 -62.14 -12.67
C SER D 200 -0.08 -62.05 -13.59
N PRO D 201 0.10 -61.76 -14.88
CA PRO D 201 -1.01 -61.67 -15.84
C PRO D 201 -1.67 -63.01 -16.13
N MET E 2 -13.20 -11.39 0.52
CA MET E 2 -12.44 -10.54 -0.37
C MET E 2 -12.11 -11.33 -1.64
N LYS E 3 -12.67 -10.94 -2.77
CA LYS E 3 -12.64 -11.77 -3.97
C LYS E 3 -12.33 -10.94 -5.21
N VAL E 4 -11.29 -11.31 -5.94
CA VAL E 4 -10.94 -10.67 -7.21
C VAL E 4 -11.32 -11.63 -8.33
N THR E 5 -12.03 -11.13 -9.34
CA THR E 5 -12.60 -11.95 -10.41
C THR E 5 -11.86 -11.73 -11.72
N GLN E 6 -11.66 -12.81 -12.47
CA GLN E 6 -10.95 -12.77 -13.74
C GLN E 6 -11.55 -13.78 -14.71
N MET E 7 -11.93 -13.30 -15.88
CA MET E 7 -12.37 -14.16 -16.97
C MET E 7 -11.72 -13.74 -18.29
N PRO E 8 -11.50 -14.70 -19.21
CA PRO E 8 -11.69 -16.14 -18.97
C PRO E 8 -10.49 -16.74 -18.28
N ARG E 9 -10.55 -18.01 -17.89
CA ARG E 9 -9.39 -18.65 -17.29
C ARG E 9 -8.31 -18.96 -18.33
N TYR E 10 -8.71 -19.29 -19.56
CA TYR E 10 -7.79 -19.59 -20.66
C TYR E 10 -8.30 -18.89 -21.93
N LEU E 11 -7.36 -18.48 -22.79
CA LEU E 11 -7.72 -17.75 -24.01
C LEU E 11 -6.70 -18.00 -25.12
N ILE E 12 -7.21 -18.36 -26.30
CA ILE E 12 -6.41 -18.46 -27.52
C ILE E 12 -6.65 -17.23 -28.40
N LYS E 13 -5.58 -16.61 -28.85
CA LYS E 13 -5.64 -15.47 -29.75
C LYS E 13 -4.68 -15.67 -30.89
N ARG E 14 -5.08 -15.24 -32.08
CA ARG E 14 -4.21 -15.24 -33.24
C ARG E 14 -3.26 -14.06 -33.14
N MET E 15 -2.03 -14.25 -33.61
CA MET E 15 -1.05 -13.16 -33.67
C MET E 15 -1.63 -11.97 -34.42
N GLY E 16 -1.46 -10.77 -33.84
CA GLY E 16 -1.93 -9.54 -34.47
C GLY E 16 -3.35 -9.12 -34.14
N GLU E 17 -4.12 -9.94 -33.43
CA GLU E 17 -5.45 -9.59 -32.97
C GLU E 17 -5.39 -8.82 -31.64
N ASN E 18 -6.47 -8.07 -31.34
CA ASN E 18 -6.59 -7.35 -30.07
C ASN E 18 -6.95 -8.31 -28.94
N VAL E 19 -6.60 -7.90 -27.72
CA VAL E 19 -6.95 -8.68 -26.53
C VAL E 19 -7.38 -7.75 -25.40
N LEU E 20 -8.52 -8.06 -24.80
CA LEU E 20 -9.05 -7.33 -23.67
C LEU E 20 -9.22 -8.34 -22.53
N LEU E 21 -8.46 -8.14 -21.47
CA LEU E 21 -8.60 -8.94 -20.26
C LEU E 21 -9.21 -8.06 -19.20
N GLU E 22 -10.19 -8.59 -18.48
CA GLU E 22 -10.99 -7.83 -17.54
C GLU E 22 -10.82 -8.38 -16.14
N CYS E 23 -10.83 -7.46 -15.18
CA CYS E 23 -10.64 -7.75 -13.76
C CYS E 23 -11.72 -7.01 -12.98
N GLY E 24 -12.36 -7.69 -12.04
CA GLY E 24 -13.35 -7.05 -11.19
C GLY E 24 -13.10 -7.26 -9.71
N GLN E 25 -13.46 -6.24 -8.92
CA GLN E 25 -13.58 -6.44 -7.47
C GLN E 25 -14.70 -5.57 -6.94
N ASP E 26 -15.64 -6.17 -6.22
CA ASP E 26 -16.80 -5.42 -5.78
C ASP E 26 -16.63 -4.73 -4.43
N MET E 27 -15.45 -4.83 -3.80
CA MET E 27 -15.21 -4.09 -2.57
C MET E 27 -14.73 -2.65 -2.80
N SER E 28 -14.66 -2.20 -4.05
CA SER E 28 -14.21 -0.85 -4.39
C SER E 28 -12.91 -0.46 -3.68
N HIS E 29 -11.92 -1.35 -3.74
CA HIS E 29 -10.56 -0.96 -3.36
C HIS E 29 -10.05 0.12 -4.32
N GLU E 30 -9.21 1.02 -3.78
CA GLU E 30 -8.66 2.09 -4.62
C GLU E 30 -7.64 1.59 -5.63
N THR E 31 -6.80 0.63 -5.26
CA THR E 31 -5.68 0.30 -6.13
C THR E 31 -5.82 -1.11 -6.67
N MET E 32 -5.46 -1.24 -7.95
CA MET E 32 -5.53 -2.51 -8.65
C MET E 32 -4.26 -2.63 -9.47
N TYR E 33 -3.95 -3.87 -9.84
CA TYR E 33 -2.69 -4.24 -10.48
C TYR E 33 -2.94 -5.20 -11.64
N TRP E 34 -2.03 -5.18 -12.62
CA TRP E 34 -1.94 -6.21 -13.64
C TRP E 34 -0.53 -6.78 -13.64
N TYR E 35 -0.41 -8.09 -13.40
CA TYR E 35 0.88 -8.79 -13.42
C TYR E 35 0.89 -9.80 -14.54
N ARG E 36 2.08 -10.15 -15.02
CA ARG E 36 2.19 -11.32 -15.87
C ARG E 36 3.30 -12.24 -15.34
N GLN E 37 3.09 -13.54 -15.52
CA GLN E 37 4.02 -14.55 -15.01
C GLN E 37 4.28 -15.58 -16.08
N ASP E 38 5.49 -15.58 -16.63
CA ASP E 38 5.93 -16.65 -17.50
C ASP E 38 6.27 -17.89 -16.66
N PRO E 39 6.08 -19.09 -17.21
CA PRO E 39 6.33 -20.31 -16.40
C PRO E 39 7.78 -20.40 -15.93
N GLY E 40 7.93 -20.69 -14.64
CA GLY E 40 9.25 -20.82 -14.04
C GLY E 40 9.94 -19.52 -13.74
N LEU E 41 9.28 -18.39 -13.94
CA LEU E 41 9.84 -17.07 -13.64
C LEU E 41 8.94 -16.38 -12.63
N GLY E 42 9.27 -15.13 -12.35
CA GLY E 42 8.57 -14.40 -11.32
C GLY E 42 7.40 -13.60 -11.84
N LEU E 43 6.54 -13.17 -10.91
CA LEU E 43 5.47 -12.24 -11.20
C LEU E 43 6.07 -10.87 -11.50
N GLN E 44 5.75 -10.29 -12.65
CA GLN E 44 6.25 -8.97 -12.99
C GLN E 44 5.09 -7.99 -13.15
N LEU E 45 5.23 -6.81 -12.57
CA LEU E 45 4.15 -5.81 -12.58
C LEU E 45 4.12 -5.15 -13.95
N ILE E 46 2.97 -5.19 -14.63
CA ILE E 46 2.81 -4.48 -15.89
C ILE E 46 2.37 -3.04 -15.65
N TYR E 47 1.29 -2.86 -14.90
CA TYR E 47 0.72 -1.56 -14.61
C TYR E 47 0.06 -1.63 -13.24
N ILE E 48 0.09 -0.51 -12.53
CA ILE E 48 -0.66 -0.33 -11.30
C ILE E 48 -1.60 0.83 -11.49
N SER E 49 -2.82 0.71 -10.95
CA SER E 49 -3.81 1.78 -10.99
C SER E 49 -4.09 2.24 -9.56
N TYR E 50 -3.76 3.51 -9.29
CA TYR E 50 -3.95 4.08 -7.95
C TYR E 50 -5.37 4.57 -7.72
N ASP E 51 -6.15 4.70 -8.78
CA ASP E 51 -7.51 5.22 -8.76
C ASP E 51 -7.96 5.35 -10.21
N VAL E 52 -9.22 5.73 -10.40
CA VAL E 52 -9.75 5.98 -11.73
C VAL E 52 -8.82 6.94 -12.46
N ASP E 53 -8.44 6.58 -13.70
CA ASP E 53 -7.60 7.41 -14.57
C ASP E 53 -6.33 7.91 -13.87
N SER E 54 -5.74 7.05 -13.01
CA SER E 54 -4.50 7.37 -12.28
C SER E 54 -3.59 6.14 -12.35
N ASN E 55 -3.06 5.87 -13.54
CA ASN E 55 -2.41 4.62 -13.86
C ASN E 55 -0.92 4.86 -14.08
N SER E 56 -0.07 3.96 -13.59
CA SER E 56 1.37 4.13 -13.77
C SER E 56 2.00 2.84 -14.26
N GLU E 57 3.01 3.00 -15.12
CA GLU E 57 3.75 1.87 -15.65
C GLU E 57 4.42 1.10 -14.51
N GLY E 58 4.39 -0.22 -14.62
CA GLY E 58 5.15 -1.04 -13.70
C GLY E 58 6.52 -1.35 -14.28
N ASP E 59 6.96 -2.59 -14.14
CA ASP E 59 8.28 -2.98 -14.60
C ASP E 59 8.31 -3.30 -16.09
N ILE E 60 7.26 -3.92 -16.62
CA ILE E 60 7.27 -4.33 -18.02
CA ILE E 60 7.29 -4.32 -18.03
C ILE E 60 6.06 -3.78 -18.75
N PRO E 61 5.95 -2.46 -18.97
CA PRO E 61 4.74 -1.90 -19.59
C PRO E 61 4.65 -2.04 -21.11
N LYS E 62 5.75 -2.31 -21.80
CA LYS E 62 5.75 -2.28 -23.26
C LYS E 62 4.80 -3.32 -23.85
N GLY E 63 3.99 -2.89 -24.80
CA GLY E 63 3.05 -3.78 -25.46
C GLY E 63 1.72 -3.90 -24.76
N TYR E 64 1.48 -3.12 -23.70
CA TYR E 64 0.22 -3.16 -22.97
C TYR E 64 -0.29 -1.76 -22.69
N ARG E 65 -1.60 -1.64 -22.52
CA ARG E 65 -2.17 -0.47 -21.90
C ARG E 65 -3.35 -0.91 -21.06
N VAL E 66 -3.82 0.00 -20.20
CA VAL E 66 -4.82 -0.31 -19.21
C VAL E 66 -5.92 0.72 -19.30
N SER E 67 -7.06 0.40 -18.69
CA SER E 67 -8.15 1.34 -18.55
C SER E 67 -8.79 1.15 -17.18
N ARG E 68 -8.96 2.25 -16.45
CA ARG E 68 -9.59 2.26 -15.13
C ARG E 68 -10.58 3.44 -15.12
N LYS E 69 -11.83 3.16 -15.48
CA LYS E 69 -12.88 4.16 -15.50
C LYS E 69 -13.74 4.15 -14.25
N LYS E 70 -13.79 3.03 -13.54
CA LYS E 70 -14.44 2.90 -12.25
C LYS E 70 -13.53 2.05 -11.37
N ARG E 71 -13.71 2.21 -10.04
CA ARG E 71 -12.81 1.53 -9.11
C ARG E 71 -12.99 0.02 -9.15
N GLU E 72 -14.17 -0.46 -9.53
CA GLU E 72 -14.51 -1.89 -9.44
C GLU E 72 -13.88 -2.75 -10.54
N HIS E 73 -13.36 -2.14 -11.62
CA HIS E 73 -12.78 -2.87 -12.75
C HIS E 73 -11.45 -2.27 -13.15
N PHE E 74 -10.65 -3.07 -13.85
CA PHE E 74 -9.32 -2.68 -14.34
C PHE E 74 -9.06 -3.54 -15.56
N SER E 75 -8.84 -2.94 -16.73
CA SER E 75 -8.71 -3.77 -17.91
C SER E 75 -7.33 -3.64 -18.51
N LEU E 76 -6.84 -4.75 -19.05
CA LEU E 76 -5.55 -4.83 -19.72
C LEU E 76 -5.81 -5.05 -21.21
N ILE E 77 -5.22 -4.21 -22.04
CA ILE E 77 -5.46 -4.22 -23.47
C ILE E 77 -4.15 -4.45 -24.20
N LEU E 78 -4.14 -5.44 -25.07
CA LEU E 78 -3.03 -5.71 -25.97
C LEU E 78 -3.53 -5.34 -27.36
N ASP E 79 -3.00 -4.26 -27.90
CA ASP E 79 -3.55 -3.74 -29.15
C ASP E 79 -3.23 -4.66 -30.33
N SER E 80 -2.06 -5.31 -30.34
CA SER E 80 -1.75 -6.24 -31.44
C SER E 80 -0.93 -7.38 -30.86
N ALA E 81 -1.58 -8.51 -30.59
CA ALA E 81 -0.94 -9.56 -29.81
C ALA E 81 0.31 -10.11 -30.49
N LYS E 82 1.36 -10.27 -29.71
CA LYS E 82 2.60 -10.89 -30.14
CA LYS E 82 2.60 -10.90 -30.15
C LYS E 82 2.74 -12.27 -29.49
N THR E 83 3.38 -13.19 -30.20
CA THR E 83 3.57 -14.55 -29.67
C THR E 83 4.28 -14.54 -28.31
N ASN E 84 5.27 -13.68 -28.12
CA ASN E 84 5.93 -13.67 -26.83
C ASN E 84 5.10 -12.97 -25.74
N GLN E 85 3.83 -12.67 -26.00
CA GLN E 85 2.90 -12.29 -24.93
C GLN E 85 2.13 -13.49 -24.41
N THR E 86 2.41 -14.68 -24.90
CA THR E 86 1.89 -15.92 -24.30
C THR E 86 2.36 -16.01 -22.85
N SER E 87 1.42 -16.06 -21.91
CA SER E 87 1.74 -15.95 -20.50
C SER E 87 0.51 -16.13 -19.63
N VAL E 88 0.70 -16.10 -18.31
CA VAL E 88 -0.40 -16.09 -17.35
C VAL E 88 -0.45 -14.69 -16.77
N TYR E 89 -1.64 -14.08 -16.82
CA TYR E 89 -1.86 -12.71 -16.36
C TYR E 89 -2.69 -12.74 -15.10
N PHE E 90 -2.18 -12.12 -14.05
CA PHE E 90 -2.87 -12.03 -12.77
C PHE E 90 -3.19 -10.58 -12.50
N CYS E 91 -4.44 -10.30 -12.18
N CYS E 91 -4.43 -10.30 -12.17
CA CYS E 91 -4.80 -9.00 -11.65
CA CYS E 91 -4.78 -8.99 -11.66
C CYS E 91 -4.87 -9.07 -10.13
C CYS E 91 -4.94 -9.07 -10.15
N ALA E 92 -4.77 -7.92 -9.49
CA ALA E 92 -4.85 -7.86 -8.04
C ALA E 92 -5.54 -6.56 -7.59
N SER E 93 -5.92 -6.51 -6.31
CA SER E 93 -6.41 -5.28 -5.70
C SER E 93 -5.89 -5.15 -4.27
N SER E 94 -5.93 -3.92 -3.75
CA SER E 94 -5.55 -3.69 -2.36
C SER E 94 -6.29 -2.49 -1.80
N PHE E 95 -6.63 -2.58 -0.50
N PHE E 95 -6.62 -2.56 -0.51
CA PHE E 95 -7.16 -1.49 0.30
CA PHE E 95 -7.13 -1.40 0.22
C PHE E 95 -6.09 -0.82 1.14
C PHE E 95 -6.11 -0.87 1.23
N GLY E 96 -4.88 -1.38 1.21
CA GLY E 96 -3.83 -0.83 2.04
C GLY E 96 -3.15 -1.88 2.91
N ARG E 97 -3.71 -3.09 2.91
CA ARG E 97 -3.11 -4.16 3.72
C ARG E 97 -2.41 -5.09 2.73
N GLU E 98 -2.91 -6.29 2.52
CA GLU E 98 -2.28 -7.16 1.54
C GLU E 98 -2.86 -6.91 0.15
N GLN E 99 -2.30 -7.58 -0.85
CA GLN E 99 -2.92 -7.66 -2.18
C GLN E 99 -3.75 -8.95 -2.30
N TYR E 100 -4.89 -8.84 -2.95
CA TYR E 100 -5.76 -9.97 -3.27
C TYR E 100 -5.64 -10.24 -4.76
N PHE E 101 -5.32 -11.47 -5.11
CA PHE E 101 -5.05 -11.82 -6.50
C PHE E 101 -6.23 -12.56 -7.09
N GLY E 102 -6.52 -12.29 -8.36
CA GLY E 102 -7.51 -13.04 -9.09
C GLY E 102 -6.94 -14.41 -9.47
N PRO E 103 -7.77 -15.28 -10.04
CA PRO E 103 -7.29 -16.63 -10.38
C PRO E 103 -6.47 -16.68 -11.66
N GLY E 104 -6.33 -15.56 -12.38
CA GLY E 104 -5.45 -15.54 -13.52
C GLY E 104 -6.12 -15.95 -14.84
N THR E 105 -5.50 -15.51 -15.93
CA THR E 105 -5.91 -15.85 -17.28
C THR E 105 -4.67 -16.34 -18.03
N ARG E 106 -4.73 -17.56 -18.59
CA ARG E 106 -3.64 -18.05 -19.43
C ARG E 106 -3.95 -17.69 -20.87
N LEU E 107 -3.11 -16.84 -21.45
CA LEU E 107 -3.25 -16.41 -22.84
C LEU E 107 -2.21 -17.15 -23.66
N THR E 108 -2.65 -17.74 -24.78
CA THR E 108 -1.73 -18.31 -25.76
C THR E 108 -1.92 -17.58 -27.07
N VAL E 109 -0.85 -16.98 -27.58
CA VAL E 109 -0.89 -16.23 -28.83
C VAL E 109 -0.22 -17.08 -29.90
N LEU E 110 -0.95 -17.41 -30.96
CA LEU E 110 -0.45 -18.35 -31.95
C LEU E 110 -0.36 -17.68 -33.31
N GLU E 111 0.71 -17.99 -34.03
CA GLU E 111 0.82 -17.59 -35.44
C GLU E 111 -0.35 -18.17 -36.25
N ASP E 112 -0.60 -19.45 -36.07
CA ASP E 112 -1.59 -20.21 -36.83
C ASP E 112 -2.46 -20.99 -35.88
N LEU E 113 -3.74 -21.11 -36.19
CA LEU E 113 -4.60 -21.99 -35.41
C LEU E 113 -4.63 -23.42 -35.94
N LYS E 114 -3.87 -23.73 -37.00
CA LYS E 114 -3.94 -25.05 -37.60
C LYS E 114 -3.46 -26.17 -36.68
N ASN E 115 -2.88 -25.85 -35.52
CA ASN E 115 -2.34 -26.88 -34.64
C ASN E 115 -3.14 -27.00 -33.34
N VAL E 116 -4.31 -26.38 -33.27
CA VAL E 116 -5.18 -26.43 -32.10
C VAL E 116 -6.07 -27.69 -32.19
N PHE E 117 -6.00 -28.55 -31.17
CA PHE E 117 -6.69 -29.83 -31.06
C PHE E 117 -7.30 -30.01 -29.68
N PRO E 118 -8.54 -30.48 -29.59
CA PRO E 118 -9.13 -30.82 -28.29
C PRO E 118 -8.59 -32.13 -27.78
N PRO E 119 -8.76 -32.43 -26.50
CA PRO E 119 -8.30 -33.71 -25.98
C PRO E 119 -9.20 -34.87 -26.39
N GLU E 120 -8.62 -36.05 -26.39
CA GLU E 120 -9.38 -37.27 -26.28
C GLU E 120 -9.25 -37.78 -24.85
N VAL E 121 -10.36 -38.27 -24.30
CA VAL E 121 -10.46 -38.66 -22.89
C VAL E 121 -10.80 -40.14 -22.80
N ALA E 122 -10.01 -40.89 -22.05
CA ALA E 122 -10.27 -42.30 -21.80
C ALA E 122 -10.15 -42.58 -20.31
N VAL E 123 -11.00 -43.48 -19.82
CA VAL E 123 -10.98 -43.91 -18.43
C VAL E 123 -10.50 -45.35 -18.40
N PHE E 124 -9.57 -45.65 -17.49
CA PHE E 124 -9.03 -46.99 -17.32
C PHE E 124 -9.48 -47.50 -15.96
N GLU E 125 -10.10 -48.67 -15.96
CA GLU E 125 -10.77 -49.19 -14.78
C GLU E 125 -9.79 -49.90 -13.85
N PRO E 126 -10.13 -50.01 -12.57
CA PRO E 126 -9.20 -50.58 -11.59
C PRO E 126 -8.88 -52.04 -11.87
N SER E 127 -7.63 -52.41 -11.66
CA SER E 127 -7.25 -53.80 -11.89
C SER E 127 -7.79 -54.69 -10.78
N GLU E 128 -8.21 -55.90 -11.16
CA GLU E 128 -8.64 -56.87 -10.16
C GLU E 128 -7.52 -57.18 -9.17
N ALA E 129 -6.27 -57.10 -9.59
CA ALA E 129 -5.16 -57.36 -8.69
C ALA E 129 -5.07 -56.30 -7.59
N GLU E 130 -5.21 -55.02 -7.94
CA GLU E 130 -5.21 -53.99 -6.90
C GLU E 130 -6.34 -54.20 -5.91
N ILE E 131 -7.51 -54.59 -6.41
CA ILE E 131 -8.69 -54.72 -5.57
C ILE E 131 -8.45 -55.76 -4.49
N SER E 132 -7.96 -56.94 -4.87
CA SER E 132 -7.79 -57.98 -3.85
C SER E 132 -6.55 -57.76 -2.98
N HIS E 133 -5.53 -57.07 -3.51
CA HIS E 133 -4.31 -56.86 -2.75
C HIS E 133 -4.47 -55.73 -1.73
N THR E 134 -5.25 -54.68 -2.04
CA THR E 134 -5.34 -53.52 -1.16
C THR E 134 -6.75 -53.16 -0.73
N GLN E 135 -7.79 -53.75 -1.33
CA GLN E 135 -9.18 -53.42 -1.04
C GLN E 135 -9.48 -51.96 -1.40
N LYS E 136 -8.73 -51.40 -2.34
CA LYS E 136 -8.98 -50.07 -2.88
C LYS E 136 -8.96 -50.17 -4.41
N ALA E 137 -9.54 -49.16 -5.05
CA ALA E 137 -9.73 -49.21 -6.51
C ALA E 137 -9.37 -47.86 -7.11
N THR E 138 -8.36 -47.84 -7.99
CA THR E 138 -7.87 -46.63 -8.62
C THR E 138 -8.35 -46.58 -10.07
N LEU E 139 -9.03 -45.50 -10.42
CA LEU E 139 -9.37 -45.23 -11.81
C LEU E 139 -8.35 -44.25 -12.34
N VAL E 140 -7.89 -44.46 -13.57
CA VAL E 140 -7.00 -43.50 -14.21
C VAL E 140 -7.74 -42.91 -15.41
N CYS E 141 -7.62 -41.59 -15.56
CA CYS E 141 -8.13 -40.85 -16.69
C CYS E 141 -6.94 -40.27 -17.47
N LEU E 142 -6.91 -40.48 -18.78
CA LEU E 142 -5.90 -39.90 -19.66
C LEU E 142 -6.60 -38.92 -20.58
N ALA E 143 -6.13 -37.68 -20.58
CA ALA E 143 -6.53 -36.71 -21.60
C ALA E 143 -5.37 -36.55 -22.56
N THR E 144 -5.64 -36.74 -23.84
CA THR E 144 -4.61 -37.06 -24.82
C THR E 144 -4.75 -36.22 -26.07
N GLY E 145 -3.62 -35.81 -26.63
CA GLY E 145 -3.59 -35.20 -27.94
C GLY E 145 -4.13 -33.80 -28.06
N PHE E 146 -4.09 -33.01 -26.98
CA PHE E 146 -4.66 -31.67 -27.03
C PHE E 146 -3.57 -30.61 -27.20
N TYR E 147 -3.96 -29.47 -27.78
CA TYR E 147 -3.05 -28.32 -27.96
C TYR E 147 -3.86 -27.04 -28.19
N PRO E 148 -3.47 -25.91 -27.57
CA PRO E 148 -2.41 -25.76 -26.55
C PRO E 148 -2.82 -26.37 -25.21
N ASP E 149 -2.05 -26.08 -24.17
CA ASP E 149 -2.27 -26.65 -22.85
C ASP E 149 -3.31 -25.84 -22.09
N HIS E 150 -4.58 -26.02 -22.50
CA HIS E 150 -5.71 -25.25 -22.01
C HIS E 150 -6.82 -26.20 -21.55
N VAL E 151 -6.57 -26.99 -20.51
CA VAL E 151 -7.55 -27.98 -20.08
C VAL E 151 -7.78 -27.85 -18.58
N GLU E 152 -8.98 -28.22 -18.15
CA GLU E 152 -9.29 -28.40 -16.74
C GLU E 152 -10.01 -29.73 -16.58
N LEU E 153 -9.35 -30.67 -15.93
CA LEU E 153 -9.89 -32.00 -15.71
C LEU E 153 -10.51 -32.06 -14.33
N SER E 154 -11.65 -32.71 -14.22
CA SER E 154 -12.29 -32.95 -12.93
C SER E 154 -12.97 -34.30 -12.94
N TRP E 155 -13.24 -34.80 -11.74
CA TRP E 155 -13.88 -36.09 -11.53
C TRP E 155 -15.24 -35.86 -10.91
N TRP E 156 -16.24 -36.54 -11.44
CA TRP E 156 -17.61 -36.47 -10.95
C TRP E 156 -18.06 -37.86 -10.53
N VAL E 157 -18.53 -37.98 -9.28
CA VAL E 157 -19.00 -39.23 -8.72
C VAL E 157 -20.48 -39.07 -8.38
N ASN E 158 -21.33 -39.88 -9.03
CA ASN E 158 -22.78 -39.77 -8.88
C ASN E 158 -23.23 -38.32 -9.08
N GLY E 159 -22.69 -37.67 -10.11
CA GLY E 159 -23.10 -36.33 -10.44
C GLY E 159 -22.48 -35.22 -9.62
N LYS E 160 -21.68 -35.53 -8.58
CA LYS E 160 -21.08 -34.50 -7.74
C LYS E 160 -19.59 -34.40 -8.00
N GLU E 161 -19.07 -33.18 -8.09
CA GLU E 161 -17.65 -33.01 -8.32
C GLU E 161 -16.89 -33.40 -7.06
N VAL E 162 -15.84 -34.22 -7.21
CA VAL E 162 -15.06 -34.68 -6.08
C VAL E 162 -13.64 -34.13 -6.19
N HIS E 163 -13.06 -33.82 -5.03
CA HIS E 163 -11.63 -33.55 -4.95
C HIS E 163 -10.88 -34.51 -4.05
N SER E 164 -11.57 -35.20 -3.14
CA SER E 164 -10.92 -36.17 -2.27
C SER E 164 -10.53 -37.43 -3.05
N GLY E 165 -9.37 -37.98 -2.71
CA GLY E 165 -8.88 -39.17 -3.38
C GLY E 165 -8.45 -38.95 -4.81
N VAL E 166 -8.26 -37.70 -5.20
CA VAL E 166 -7.90 -37.34 -6.56
C VAL E 166 -6.52 -36.72 -6.59
N CYS E 167 -5.74 -37.07 -7.60
CA CYS E 167 -4.49 -36.38 -7.90
CA CYS E 167 -4.54 -36.32 -7.89
C CYS E 167 -4.36 -36.27 -9.40
N THR E 168 -4.10 -35.07 -9.90
CA THR E 168 -3.91 -34.81 -11.32
C THR E 168 -2.48 -34.34 -11.54
N ASP E 169 -1.85 -34.78 -12.63
CA ASP E 169 -0.52 -34.35 -12.99
C ASP E 169 -0.42 -32.82 -12.98
N PRO E 170 0.55 -32.24 -12.31
CA PRO E 170 0.66 -30.77 -12.36
C PRO E 170 1.10 -30.25 -13.71
N GLN E 171 1.94 -31.00 -14.43
CA GLN E 171 2.33 -30.63 -15.79
C GLN E 171 1.90 -31.72 -16.77
N PRO E 172 1.49 -31.35 -17.96
CA PRO E 172 1.28 -32.33 -19.02
C PRO E 172 2.62 -32.75 -19.59
N LEU E 173 2.59 -33.81 -20.37
CA LEU E 173 3.79 -34.21 -21.07
C LEU E 173 3.49 -34.25 -22.56
N LYS E 174 4.54 -34.09 -23.36
CA LYS E 174 4.37 -34.00 -24.80
C LYS E 174 4.40 -35.39 -25.40
N GLU E 175 3.56 -35.61 -26.40
CA GLU E 175 3.51 -36.89 -27.06
C GLU E 175 4.68 -37.09 -28.02
N GLN E 176 5.35 -36.01 -28.42
CA GLN E 176 6.62 -36.08 -29.16
C GLN E 176 7.55 -35.03 -28.56
N PRO E 177 8.25 -35.37 -27.46
CA PRO E 177 8.88 -34.34 -26.61
C PRO E 177 9.73 -33.31 -27.34
N SER E 182 3.63 -29.50 -30.65
CA SER E 182 3.53 -30.90 -30.18
C SER E 182 2.36 -31.04 -29.20
N ARG E 183 1.49 -32.02 -29.42
CA ARG E 183 0.28 -32.21 -28.59
C ARG E 183 0.62 -32.78 -27.23
N TYR E 184 -0.22 -32.49 -26.24
CA TYR E 184 0.01 -32.86 -24.83
C TYR E 184 -0.86 -34.03 -24.37
N ALA E 185 -0.48 -34.61 -23.23
CA ALA E 185 -1.22 -35.65 -22.54
C ALA E 185 -1.20 -35.36 -21.05
N LEU E 186 -2.32 -35.62 -20.37
CA LEU E 186 -2.48 -35.33 -18.96
C LEU E 186 -3.18 -36.51 -18.29
N SER E 187 -2.72 -36.89 -17.10
CA SER E 187 -3.32 -38.01 -16.40
C SER E 187 -3.81 -37.58 -15.03
N SER E 188 -4.85 -38.26 -14.55
CA SER E 188 -5.41 -38.03 -13.22
C SER E 188 -5.83 -39.37 -12.63
N ARG E 189 -5.75 -39.49 -11.32
CA ARG E 189 -6.23 -40.71 -10.67
C ARG E 189 -7.34 -40.38 -9.68
N LEU E 190 -8.24 -41.33 -9.54
CA LEU E 190 -9.31 -41.29 -8.54
C LEU E 190 -9.30 -42.64 -7.83
N ARG E 191 -9.12 -42.62 -6.51
CA ARG E 191 -9.05 -43.85 -5.73
C ARG E 191 -10.21 -43.89 -4.75
N VAL E 192 -10.99 -44.95 -4.80
CA VAL E 192 -12.08 -45.20 -3.87
C VAL E 192 -11.84 -46.57 -3.22
N SER E 193 -12.67 -46.89 -2.22
CA SER E 193 -12.62 -48.22 -1.65
C SER E 193 -13.11 -49.24 -2.66
N ALA E 194 -12.55 -50.45 -2.56
CA ALA E 194 -13.02 -51.56 -3.38
C ALA E 194 -14.53 -51.75 -3.28
N THR E 195 -15.10 -51.60 -2.08
CA THR E 195 -16.54 -51.81 -1.92
C THR E 195 -17.33 -50.74 -2.65
N PHE E 196 -16.84 -49.49 -2.64
CA PHE E 196 -17.50 -48.43 -3.40
C PHE E 196 -17.47 -48.73 -4.89
N TRP E 197 -16.33 -49.20 -5.39
CA TRP E 197 -16.21 -49.55 -6.80
C TRP E 197 -17.12 -50.71 -7.18
N GLN E 198 -17.40 -51.60 -6.24
CA GLN E 198 -18.12 -52.82 -6.59
C GLN E 198 -19.64 -52.62 -6.66
N ASN E 199 -20.13 -51.44 -6.28
CA ASN E 199 -21.56 -51.14 -6.32
C ASN E 199 -21.96 -50.66 -7.71
N PRO E 200 -22.81 -51.40 -8.43
CA PRO E 200 -23.12 -50.99 -9.82
C PRO E 200 -23.95 -49.72 -9.92
N ARG E 201 -24.50 -49.22 -8.83
CA ARG E 201 -25.25 -47.97 -8.84
C ARG E 201 -24.36 -46.76 -8.67
N ASN E 202 -23.05 -46.95 -8.50
CA ASN E 202 -22.12 -45.83 -8.37
C ASN E 202 -21.60 -45.46 -9.75
N HIS E 203 -21.71 -44.17 -10.09
CA HIS E 203 -21.35 -43.66 -11.40
C HIS E 203 -20.10 -42.76 -11.30
N PHE E 204 -19.16 -42.96 -12.22
CA PHE E 204 -17.89 -42.23 -12.23
C PHE E 204 -17.71 -41.52 -13.57
N ARG E 205 -17.30 -40.25 -13.53
CA ARG E 205 -17.08 -39.52 -14.77
C ARG E 205 -15.81 -38.70 -14.67
N CYS E 206 -14.94 -38.83 -15.68
CA CYS E 206 -13.79 -37.94 -15.86
C CYS E 206 -14.19 -36.87 -16.87
N GLN E 207 -14.16 -35.61 -16.46
CA GLN E 207 -14.55 -34.51 -17.33
C GLN E 207 -13.35 -33.64 -17.60
N VAL E 208 -13.05 -33.34 -18.86
CA VAL E 208 -12.01 -32.35 -19.11
C VAL E 208 -12.56 -31.25 -19.99
N GLN E 209 -12.42 -30.03 -19.49
CA GLN E 209 -12.88 -28.84 -20.18
C GLN E 209 -11.71 -28.33 -21.01
N PHE E 210 -11.93 -28.13 -22.32
CA PHE E 210 -10.91 -27.63 -23.22
C PHE E 210 -11.31 -26.24 -23.67
N TYR E 211 -10.39 -25.27 -23.55
CA TYR E 211 -10.64 -23.88 -23.93
C TYR E 211 -9.95 -23.67 -25.27
N GLY E 212 -10.76 -23.65 -26.33
CA GLY E 212 -10.26 -23.55 -27.68
C GLY E 212 -10.74 -22.31 -28.39
N LEU E 213 -11.20 -22.46 -29.63
CA LEU E 213 -11.64 -21.34 -30.43
C LEU E 213 -13.08 -20.98 -30.09
N SER E 214 -13.41 -19.71 -30.29
CA SER E 214 -14.76 -19.22 -30.10
C SER E 214 -15.41 -18.95 -31.46
N GLU E 215 -16.60 -18.37 -31.43
CA GLU E 215 -17.42 -18.29 -32.63
C GLU E 215 -16.82 -17.33 -33.66
N ASN E 216 -16.44 -16.12 -33.22
CA ASN E 216 -15.87 -15.16 -34.16
C ASN E 216 -14.45 -15.53 -34.59
N ASP E 217 -13.85 -16.58 -34.01
CA ASP E 217 -12.57 -17.11 -34.47
C ASP E 217 -12.82 -17.84 -35.79
N GLU E 218 -12.46 -17.21 -36.90
CA GLU E 218 -12.66 -17.83 -38.19
C GLU E 218 -11.72 -19.01 -38.37
N TRP E 219 -12.26 -20.09 -38.90
CA TRP E 219 -11.53 -21.34 -39.12
C TRP E 219 -11.53 -21.60 -40.62
N THR E 220 -10.36 -21.84 -41.19
CA THR E 220 -10.26 -22.13 -42.61
C THR E 220 -9.81 -23.56 -42.92
N GLN E 221 -9.31 -24.29 -41.93
CA GLN E 221 -8.93 -25.67 -42.11
C GLN E 221 -10.14 -26.52 -42.47
N ASP E 222 -9.89 -27.77 -42.88
CA ASP E 222 -10.94 -28.67 -43.34
C ASP E 222 -11.60 -29.47 -42.23
N ARG E 223 -10.86 -29.84 -41.18
CA ARG E 223 -11.43 -30.72 -40.16
C ARG E 223 -12.32 -29.93 -39.19
N ALA E 224 -12.83 -30.64 -38.17
CA ALA E 224 -13.80 -30.08 -37.24
C ALA E 224 -13.17 -28.99 -36.39
N LYS E 225 -13.84 -27.85 -36.32
CA LYS E 225 -13.35 -26.69 -35.58
C LYS E 225 -13.10 -27.07 -34.12
N PRO E 226 -11.87 -26.91 -33.60
CA PRO E 226 -11.60 -27.30 -32.21
C PRO E 226 -12.04 -26.22 -31.22
N VAL E 227 -13.36 -26.09 -31.08
CA VAL E 227 -13.98 -25.05 -30.26
C VAL E 227 -13.81 -25.36 -28.78
N THR E 228 -14.21 -24.41 -27.94
CA THR E 228 -14.27 -24.65 -26.51
C THR E 228 -15.35 -25.69 -26.22
N GLN E 229 -15.00 -26.74 -25.47
CA GLN E 229 -15.88 -27.89 -25.30
C GLN E 229 -15.41 -28.70 -24.11
N ILE E 230 -16.28 -29.58 -23.62
CA ILE E 230 -15.86 -30.54 -22.61
C ILE E 230 -15.97 -31.94 -23.18
N VAL E 231 -14.95 -32.74 -22.91
CA VAL E 231 -14.88 -34.11 -23.40
C VAL E 231 -14.80 -35.01 -22.18
N SER E 232 -15.62 -36.04 -22.18
CA SER E 232 -15.89 -36.81 -20.98
C SER E 232 -15.73 -38.30 -21.28
N ALA E 233 -15.37 -39.07 -20.25
CA ALA E 233 -15.44 -40.52 -20.33
C ALA E 233 -15.96 -41.01 -18.99
N GLU E 234 -16.68 -42.14 -19.00
CA GLU E 234 -17.35 -42.57 -17.78
C GLU E 234 -17.45 -44.09 -17.68
N ALA E 235 -17.74 -44.54 -16.46
CA ALA E 235 -17.84 -45.96 -16.13
C ALA E 235 -18.70 -46.10 -14.89
N TRP E 236 -19.37 -47.24 -14.79
CA TRP E 236 -20.10 -47.64 -13.60
C TRP E 236 -19.27 -48.61 -12.79
N GLY E 237 -19.45 -48.58 -11.48
CA GLY E 237 -18.94 -49.67 -10.67
C GLY E 237 -19.54 -51.00 -11.09
N ARG E 238 -18.94 -52.09 -10.61
CA ARG E 238 -19.39 -53.42 -10.99
CA ARG E 238 -19.42 -53.41 -10.96
C ARG E 238 -18.87 -54.43 -9.98
N ALA E 239 -19.73 -55.38 -9.60
CA ALA E 239 -19.34 -56.48 -8.72
C ALA E 239 -18.63 -57.52 -9.59
N ASP E 240 -17.31 -57.51 -9.56
CA ASP E 240 -16.54 -58.37 -10.46
C ASP E 240 -16.43 -59.78 -9.88
NA NA F . -1.11 -43.11 4.86
NA NA G . 4.61 -6.14 13.51
NA NA H . -5.13 -26.80 -16.55
NA NA I . -1.70 -23.64 -34.00
#